data_4JV7
# 
_entry.id   4JV7 
# 
_audit_conform.dict_name       mmcif_pdbx.dic 
_audit_conform.dict_version    5.387 
_audit_conform.dict_location   http://mmcif.pdb.org/dictionaries/ascii/mmcif_pdbx.dic 
# 
loop_
_database_2.database_id 
_database_2.database_code 
_database_2.pdbx_database_accession 
_database_2.pdbx_DOI 
PDB   4JV7         pdb_00004jv7 10.2210/pdb4jv7/pdb 
RCSB  RCSB078545   ?            ?                   
WWPDB D_1000078545 ?            ?                   
# 
loop_
_pdbx_audit_revision_history.ordinal 
_pdbx_audit_revision_history.data_content_type 
_pdbx_audit_revision_history.major_revision 
_pdbx_audit_revision_history.minor_revision 
_pdbx_audit_revision_history.revision_date 
1 'Structure model' 1 0 2013-05-01 
2 'Structure model' 1 1 2013-06-05 
3 'Structure model' 1 2 2024-02-28 
# 
_pdbx_audit_revision_details.ordinal             1 
_pdbx_audit_revision_details.revision_ordinal    1 
_pdbx_audit_revision_details.data_content_type   'Structure model' 
_pdbx_audit_revision_details.provider            repository 
_pdbx_audit_revision_details.type                'Initial release' 
_pdbx_audit_revision_details.description         ? 
_pdbx_audit_revision_details.details             ? 
# 
loop_
_pdbx_audit_revision_group.ordinal 
_pdbx_audit_revision_group.revision_ordinal 
_pdbx_audit_revision_group.data_content_type 
_pdbx_audit_revision_group.group 
1 2 'Structure model' 'Database references'  
2 3 'Structure model' 'Data collection'      
3 3 'Structure model' 'Database references'  
4 3 'Structure model' 'Derived calculations' 
# 
loop_
_pdbx_audit_revision_category.ordinal 
_pdbx_audit_revision_category.revision_ordinal 
_pdbx_audit_revision_category.data_content_type 
_pdbx_audit_revision_category.category 
1 3 'Structure model' chem_comp_atom     
2 3 'Structure model' chem_comp_bond     
3 3 'Structure model' database_2         
4 3 'Structure model' struct_ref_seq_dif 
5 3 'Structure model' struct_site        
# 
loop_
_pdbx_audit_revision_item.ordinal 
_pdbx_audit_revision_item.revision_ordinal 
_pdbx_audit_revision_item.data_content_type 
_pdbx_audit_revision_item.item 
1 3 'Structure model' '_database_2.pdbx_DOI'                
2 3 'Structure model' '_database_2.pdbx_database_accession' 
3 3 'Structure model' '_struct_ref_seq_dif.details'         
4 3 'Structure model' '_struct_site.pdbx_auth_asym_id'      
5 3 'Structure model' '_struct_site.pdbx_auth_comp_id'      
6 3 'Structure model' '_struct_site.pdbx_auth_seq_id'       
# 
_pdbx_database_status.status_code                     REL 
_pdbx_database_status.entry_id                        4JV7 
_pdbx_database_status.recvd_initial_deposition_date   2013-03-25 
_pdbx_database_status.deposit_site                    RCSB 
_pdbx_database_status.process_site                    RCSB 
_pdbx_database_status.status_code_sf                  REL 
_pdbx_database_status.status_code_mr                  ? 
_pdbx_database_status.SG_entry                        ? 
_pdbx_database_status.status_code_cs                  ? 
_pdbx_database_status.methods_development_category    ? 
_pdbx_database_status.pdb_format_compatible           Y 
_pdbx_database_status.status_code_nmr_data            ? 
# 
loop_
_pdbx_database_related.db_name 
_pdbx_database_related.db_id 
_pdbx_database_related.details 
_pdbx_database_related.content_type 
PDB 4JV9 . unspecified 
PDB 4JVE . unspecified 
PDB 4JVR . unspecified 
PDB 4JWR . unspecified 
# 
loop_
_audit_author.name 
_audit_author.pdbx_ordinal 
'Huang, X.'                    1  
'Gonzalez-Lopez de Turiso, F.' 2  
'Sun, D.'                      3  
'Yosup, R.'                    4  
'Bartberger, M.D.'             5  
'Beck, H.P.'                   6  
'Cannon, J.'                   7  
'Shaffer, P.'                  8  
'Oliner, J.D.'                 9  
'Olson, S.H.'                  10 
'Medina, J.C.'                 11 
# 
_citation.id                        primary 
_citation.title                     'Rational Design and Binding Mode Duality of MDM2-p53 Inhibitors.' 
_citation.journal_abbrev            J.Med.Chem. 
_citation.journal_volume            56 
_citation.page_first                4053 
_citation.page_last                 4070 
_citation.year                      2013 
_citation.journal_id_ASTM           JMCMAR 
_citation.country                   US 
_citation.journal_id_ISSN           0022-2623 
_citation.journal_id_CSD            0151 
_citation.book_publisher            ? 
_citation.pdbx_database_id_PubMed   23597064 
_citation.pdbx_database_id_DOI      10.1021/jm400293z 
# 
loop_
_citation_author.citation_id 
_citation_author.name 
_citation_author.ordinal 
_citation_author.identifier_ORCID 
primary 'Gonzalez-Lopez de Turiso, F.' 1  ? 
primary 'Sun, D.'                      2  ? 
primary 'Rew, Y.'                      3  ? 
primary 'Bartberger, M.D.'             4  ? 
primary 'Beck, H.P.'                   5  ? 
primary 'Canon, J.'                    6  ? 
primary 'Chen, A.'                     7  ? 
primary 'Chow, D.'                     8  ? 
primary 'Correll, T.L.'                9  ? 
primary 'Huang, X.'                    10 ? 
primary 'Julian, L.D.'                 11 ? 
primary 'Kayser, F.'                   12 ? 
primary 'Lo, M.C.'                     13 ? 
primary 'Long, A.M.'                   14 ? 
primary 'McMinn, D.'                   15 ? 
primary 'Oliner, J.D.'                 16 ? 
primary 'Osgood, T.'                   17 ? 
primary 'Powers, J.P.'                 18 ? 
primary 'Saiki, A.Y.'                  19 ? 
primary 'Schneider, S.'                20 ? 
primary 'Shaffer, P.'                  21 ? 
primary 'Xiao, S.H.'                   22 ? 
primary 'Yakowec, P.'                  23 ? 
primary 'Yan, X.'                      24 ? 
primary 'Ye, Q.'                       25 ? 
primary 'Yu, D.'                       26 ? 
primary 'Zhao, X.'                     27 ? 
primary 'Zhou, J.'                     28 ? 
primary 'Medina, J.C.'                 29 ? 
primary 'Olson, S.H.'                  30 ? 
# 
loop_
_entity.id 
_entity.type 
_entity.src_method 
_entity.pdbx_description 
_entity.formula_weight 
_entity.pdbx_number_of_molecules 
_entity.pdbx_ec 
_entity.pdbx_mutation 
_entity.pdbx_fragment 
_entity.details 
1 polymer     man 'E3 ubiquitin-protein ligase Mdm2'                                   11156.052 1  6.3.2.- ? 
'UNP residues 18-111' ? 
2 non-polymer syn '(2S,5R,6S)-2-benzyl-5,6-bis(4-bromophenyl)-4-methylmorpholin-3-one' 515.237   1  ?       ? ? ? 
3 non-polymer syn 'SULFATE ION'                                                        96.063    1  ?       ? ? ? 
4 water       nat water                                                                18.015    56 ?       ? ? ? 
# 
_entity_name_com.entity_id   1 
_entity_name_com.name        'Double minute 2 protein, Hdm2, Oncoprotein Mdm2, p53-binding protein Mdm2' 
# 
_entity_poly.entity_id                      1 
_entity_poly.type                           'polypeptide(L)' 
_entity_poly.nstd_linkage                   no 
_entity_poly.nstd_monomer                   no 
_entity_poly.pdbx_seq_one_letter_code       
;QIPASEQETLVRPKPLLLKLLKSVGAQKDTYTMKEVLFYLGQYIMTKRLYDEKQQHIVYCSNDLLGDLFGVPSFSVKEHR
KIYTMIYRNLVVVNGS
;
_entity_poly.pdbx_seq_one_letter_code_can   
;QIPASEQETLVRPKPLLLKLLKSVGAQKDTYTMKEVLFYLGQYIMTKRLYDEKQQHIVYCSNDLLGDLFGVPSFSVKEHR
KIYTMIYRNLVVVNGS
;
_entity_poly.pdbx_strand_id                 A 
_entity_poly.pdbx_target_identifier         ? 
# 
loop_
_pdbx_entity_nonpoly.entity_id 
_pdbx_entity_nonpoly.name 
_pdbx_entity_nonpoly.comp_id 
2 '(2S,5R,6S)-2-benzyl-5,6-bis(4-bromophenyl)-4-methylmorpholin-3-one' 1MN 
3 'SULFATE ION'                                                        SO4 
4 water                                                                HOH 
# 
loop_
_entity_poly_seq.entity_id 
_entity_poly_seq.num 
_entity_poly_seq.mon_id 
_entity_poly_seq.hetero 
1 1  GLN n 
1 2  ILE n 
1 3  PRO n 
1 4  ALA n 
1 5  SER n 
1 6  GLU n 
1 7  GLN n 
1 8  GLU n 
1 9  THR n 
1 10 LEU n 
1 11 VAL n 
1 12 ARG n 
1 13 PRO n 
1 14 LYS n 
1 15 PRO n 
1 16 LEU n 
1 17 LEU n 
1 18 LEU n 
1 19 LYS n 
1 20 LEU n 
1 21 LEU n 
1 22 LYS n 
1 23 SER n 
1 24 VAL n 
1 25 GLY n 
1 26 ALA n 
1 27 GLN n 
1 28 LYS n 
1 29 ASP n 
1 30 THR n 
1 31 TYR n 
1 32 THR n 
1 33 MET n 
1 34 LYS n 
1 35 GLU n 
1 36 VAL n 
1 37 LEU n 
1 38 PHE n 
1 39 TYR n 
1 40 LEU n 
1 41 GLY n 
1 42 GLN n 
1 43 TYR n 
1 44 ILE n 
1 45 MET n 
1 46 THR n 
1 47 LYS n 
1 48 ARG n 
1 49 LEU n 
1 50 TYR n 
1 51 ASP n 
1 52 GLU n 
1 53 LYS n 
1 54 GLN n 
1 55 GLN n 
1 56 HIS n 
1 57 ILE n 
1 58 VAL n 
1 59 TYR n 
1 60 CYS n 
1 61 SER n 
1 62 ASN n 
1 63 ASP n 
1 64 LEU n 
1 65 LEU n 
1 66 GLY n 
1 67 ASP n 
1 68 LEU n 
1 69 PHE n 
1 70 GLY n 
1 71 VAL n 
1 72 PRO n 
1 73 SER n 
1 74 PHE n 
1 75 SER n 
1 76 VAL n 
1 77 LYS n 
1 78 GLU n 
1 79 HIS n 
1 80 ARG n 
1 81 LYS n 
1 82 ILE n 
1 83 TYR n 
1 84 THR n 
1 85 MET n 
1 86 ILE n 
1 87 TYR n 
1 88 ARG n 
1 89 ASN n 
1 90 LEU n 
1 91 VAL n 
1 92 VAL n 
1 93 VAL n 
1 94 ASN n 
1 95 GLY n 
1 96 SER n 
# 
_entity_src_gen.entity_id                          1 
_entity_src_gen.pdbx_src_id                        1 
_entity_src_gen.pdbx_alt_source_flag               sample 
_entity_src_gen.pdbx_seq_type                      ? 
_entity_src_gen.pdbx_beg_seq_num                   ? 
_entity_src_gen.pdbx_end_seq_num                   ? 
_entity_src_gen.gene_src_common_name               human 
_entity_src_gen.gene_src_genus                     ? 
_entity_src_gen.pdbx_gene_src_gene                 MDM2 
_entity_src_gen.gene_src_species                   ? 
_entity_src_gen.gene_src_strain                    ? 
_entity_src_gen.gene_src_tissue                    ? 
_entity_src_gen.gene_src_tissue_fraction           ? 
_entity_src_gen.gene_src_details                   ? 
_entity_src_gen.pdbx_gene_src_fragment             ? 
_entity_src_gen.pdbx_gene_src_scientific_name      'Homo sapiens' 
_entity_src_gen.pdbx_gene_src_ncbi_taxonomy_id     9606 
_entity_src_gen.pdbx_gene_src_variant              ? 
_entity_src_gen.pdbx_gene_src_cell_line            ? 
_entity_src_gen.pdbx_gene_src_atcc                 ? 
_entity_src_gen.pdbx_gene_src_organ                ? 
_entity_src_gen.pdbx_gene_src_organelle            ? 
_entity_src_gen.pdbx_gene_src_cell                 ? 
_entity_src_gen.pdbx_gene_src_cellular_location    ? 
_entity_src_gen.host_org_common_name               ? 
_entity_src_gen.pdbx_host_org_scientific_name      'Escherichia coli' 
_entity_src_gen.pdbx_host_org_ncbi_taxonomy_id     562 
_entity_src_gen.host_org_genus                     ? 
_entity_src_gen.pdbx_host_org_gene                 ? 
_entity_src_gen.pdbx_host_org_organ                ? 
_entity_src_gen.host_org_species                   ? 
_entity_src_gen.pdbx_host_org_tissue               ? 
_entity_src_gen.pdbx_host_org_tissue_fraction      ? 
_entity_src_gen.pdbx_host_org_strain               ? 
_entity_src_gen.pdbx_host_org_variant              ? 
_entity_src_gen.pdbx_host_org_cell_line            ? 
_entity_src_gen.pdbx_host_org_atcc                 ? 
_entity_src_gen.pdbx_host_org_culture_collection   ? 
_entity_src_gen.pdbx_host_org_cell                 ? 
_entity_src_gen.pdbx_host_org_organelle            ? 
_entity_src_gen.pdbx_host_org_cellular_location    ? 
_entity_src_gen.pdbx_host_org_vector_type          ? 
_entity_src_gen.pdbx_host_org_vector               ? 
_entity_src_gen.host_org_details                   ? 
_entity_src_gen.expression_system_id               ? 
_entity_src_gen.plasmid_name                       ? 
_entity_src_gen.plasmid_details                    ? 
_entity_src_gen.pdbx_description                   ? 
# 
loop_
_chem_comp.id 
_chem_comp.type 
_chem_comp.mon_nstd_flag 
_chem_comp.name 
_chem_comp.pdbx_synonyms 
_chem_comp.formula 
_chem_comp.formula_weight 
1MN non-polymer         . '(2S,5R,6S)-2-benzyl-5,6-bis(4-bromophenyl)-4-methylmorpholin-3-one' ? 'C24 H21 Br2 N O2' 515.237 
ALA 'L-peptide linking' y ALANINE                                                              ? 'C3 H7 N O2'       89.093  
ARG 'L-peptide linking' y ARGININE                                                             ? 'C6 H15 N4 O2 1'   175.209 
ASN 'L-peptide linking' y ASPARAGINE                                                           ? 'C4 H8 N2 O3'      132.118 
ASP 'L-peptide linking' y 'ASPARTIC ACID'                                                      ? 'C4 H7 N O4'       133.103 
CYS 'L-peptide linking' y CYSTEINE                                                             ? 'C3 H7 N O2 S'     121.158 
GLN 'L-peptide linking' y GLUTAMINE                                                            ? 'C5 H10 N2 O3'     146.144 
GLU 'L-peptide linking' y 'GLUTAMIC ACID'                                                      ? 'C5 H9 N O4'       147.129 
GLY 'peptide linking'   y GLYCINE                                                              ? 'C2 H5 N O2'       75.067  
HIS 'L-peptide linking' y HISTIDINE                                                            ? 'C6 H10 N3 O2 1'   156.162 
HOH non-polymer         . WATER                                                                ? 'H2 O'             18.015  
ILE 'L-peptide linking' y ISOLEUCINE                                                           ? 'C6 H13 N O2'      131.173 
LEU 'L-peptide linking' y LEUCINE                                                              ? 'C6 H13 N O2'      131.173 
LYS 'L-peptide linking' y LYSINE                                                               ? 'C6 H15 N2 O2 1'   147.195 
MET 'L-peptide linking' y METHIONINE                                                           ? 'C5 H11 N O2 S'    149.211 
PHE 'L-peptide linking' y PHENYLALANINE                                                        ? 'C9 H11 N O2'      165.189 
PRO 'L-peptide linking' y PROLINE                                                              ? 'C5 H9 N O2'       115.130 
SER 'L-peptide linking' y SERINE                                                               ? 'C3 H7 N O3'       105.093 
SO4 non-polymer         . 'SULFATE ION'                                                        ? 'O4 S -2'          96.063  
THR 'L-peptide linking' y THREONINE                                                            ? 'C4 H9 N O3'       119.119 
TYR 'L-peptide linking' y TYROSINE                                                             ? 'C9 H11 N O3'      181.189 
VAL 'L-peptide linking' y VALINE                                                               ? 'C5 H11 N O2'      117.146 
# 
loop_
_pdbx_poly_seq_scheme.asym_id 
_pdbx_poly_seq_scheme.entity_id 
_pdbx_poly_seq_scheme.seq_id 
_pdbx_poly_seq_scheme.mon_id 
_pdbx_poly_seq_scheme.ndb_seq_num 
_pdbx_poly_seq_scheme.pdb_seq_num 
_pdbx_poly_seq_scheme.auth_seq_num 
_pdbx_poly_seq_scheme.pdb_mon_id 
_pdbx_poly_seq_scheme.auth_mon_id 
_pdbx_poly_seq_scheme.pdb_strand_id 
_pdbx_poly_seq_scheme.pdb_ins_code 
_pdbx_poly_seq_scheme.hetero 
A 1 1  GLN 1  18  ?   ?   ?   A . n 
A 1 2  ILE 2  19  ?   ?   ?   A . n 
A 1 3  PRO 3  20  ?   ?   ?   A . n 
A 1 4  ALA 4  21  ?   ?   ?   A . n 
A 1 5  SER 5  22  ?   ?   ?   A . n 
A 1 6  GLU 6  23  ?   ?   ?   A . n 
A 1 7  GLN 7  24  ?   ?   ?   A . n 
A 1 8  GLU 8  25  ?   ?   ?   A . n 
A 1 9  THR 9  26  26  THR THR A . n 
A 1 10 LEU 10 27  27  LEU LEU A . n 
A 1 11 VAL 11 28  28  VAL VAL A . n 
A 1 12 ARG 12 29  29  ARG ARG A . n 
A 1 13 PRO 13 30  30  PRO PRO A . n 
A 1 14 LYS 14 31  31  LYS LYS A . n 
A 1 15 PRO 15 32  32  PRO PRO A . n 
A 1 16 LEU 16 33  33  LEU LEU A . n 
A 1 17 LEU 17 34  34  LEU LEU A . n 
A 1 18 LEU 18 35  35  LEU LEU A . n 
A 1 19 LYS 19 36  36  LYS LYS A . n 
A 1 20 LEU 20 37  37  LEU LEU A . n 
A 1 21 LEU 21 38  38  LEU LEU A . n 
A 1 22 LYS 22 39  39  LYS LYS A . n 
A 1 23 SER 23 40  40  SER SER A . n 
A 1 24 VAL 24 41  41  VAL VAL A . n 
A 1 25 GLY 25 42  42  GLY GLY A . n 
A 1 26 ALA 26 43  43  ALA ALA A . n 
A 1 27 GLN 27 44  44  GLN GLN A . n 
A 1 28 LYS 28 45  45  LYS LYS A . n 
A 1 29 ASP 29 46  46  ASP ASP A . n 
A 1 30 THR 30 47  47  THR THR A . n 
A 1 31 TYR 31 48  48  TYR TYR A . n 
A 1 32 THR 32 49  49  THR THR A . n 
A 1 33 MET 33 50  50  MET MET A . n 
A 1 34 LYS 34 51  51  LYS LYS A . n 
A 1 35 GLU 35 52  52  GLU GLU A . n 
A 1 36 VAL 36 53  53  VAL VAL A . n 
A 1 37 LEU 37 54  54  LEU LEU A . n 
A 1 38 PHE 38 55  55  PHE PHE A . n 
A 1 39 TYR 39 56  56  TYR TYR A . n 
A 1 40 LEU 40 57  57  LEU LEU A . n 
A 1 41 GLY 41 58  58  GLY GLY A . n 
A 1 42 GLN 42 59  59  GLN GLN A . n 
A 1 43 TYR 43 60  60  TYR TYR A . n 
A 1 44 ILE 44 61  61  ILE ILE A . n 
A 1 45 MET 45 62  62  MET MET A . n 
A 1 46 THR 46 63  63  THR THR A . n 
A 1 47 LYS 47 64  64  LYS LYS A . n 
A 1 48 ARG 48 65  65  ARG ARG A . n 
A 1 49 LEU 49 66  66  LEU LEU A . n 
A 1 50 TYR 50 67  67  TYR TYR A . n 
A 1 51 ASP 51 68  68  ASP ASP A . n 
A 1 52 GLU 52 69  69  GLU GLU A . n 
A 1 53 LYS 53 70  70  LYS LYS A . n 
A 1 54 GLN 54 71  71  GLN GLN A . n 
A 1 55 GLN 55 72  72  GLN GLN A . n 
A 1 56 HIS 56 73  73  HIS HIS A . n 
A 1 57 ILE 57 74  74  ILE ILE A . n 
A 1 58 VAL 58 75  75  VAL VAL A . n 
A 1 59 TYR 59 76  76  TYR TYR A . n 
A 1 60 CYS 60 77  77  CYS CYS A . n 
A 1 61 SER 61 78  78  SER SER A . n 
A 1 62 ASN 62 79  79  ASN ASN A . n 
A 1 63 ASP 63 80  80  ASP ASP A . n 
A 1 64 LEU 64 81  81  LEU LEU A . n 
A 1 65 LEU 65 82  82  LEU LEU A . n 
A 1 66 GLY 66 83  83  GLY GLY A . n 
A 1 67 ASP 67 84  84  ASP ASP A . n 
A 1 68 LEU 68 85  85  LEU LEU A . n 
A 1 69 PHE 69 86  86  PHE PHE A . n 
A 1 70 GLY 70 87  87  GLY GLY A . n 
A 1 71 VAL 71 88  88  VAL VAL A . n 
A 1 72 PRO 72 89  89  PRO PRO A . n 
A 1 73 SER 73 90  90  SER SER A . n 
A 1 74 PHE 74 91  91  PHE PHE A . n 
A 1 75 SER 75 92  92  SER SER A . n 
A 1 76 VAL 76 93  93  VAL VAL A . n 
A 1 77 LYS 77 94  94  LYS LYS A . n 
A 1 78 GLU 78 95  95  GLU GLU A . n 
A 1 79 HIS 79 96  96  HIS HIS A . n 
A 1 80 ARG 80 97  97  ARG ARG A . n 
A 1 81 LYS 81 98  98  LYS LYS A . n 
A 1 82 ILE 82 99  99  ILE ILE A . n 
A 1 83 TYR 83 100 100 TYR TYR A . n 
A 1 84 THR 84 101 101 THR THR A . n 
A 1 85 MET 85 102 102 MET MET A . n 
A 1 86 ILE 86 103 103 ILE ILE A . n 
A 1 87 TYR 87 104 104 TYR TYR A . n 
A 1 88 ARG 88 105 105 ARG ARG A . n 
A 1 89 ASN 89 106 106 ASN ASN A . n 
A 1 90 LEU 90 107 107 LEU LEU A . n 
A 1 91 VAL 91 108 108 VAL VAL A . n 
A 1 92 VAL 92 109 109 VAL VAL A . n 
A 1 93 VAL 93 110 110 VAL VAL A . n 
A 1 94 ASN 94 111 ?   ?   ?   A . n 
A 1 95 GLY 95 112 ?   ?   ?   A . n 
A 1 96 SER 96 113 ?   ?   ?   A . n 
# 
loop_
_pdbx_nonpoly_scheme.asym_id 
_pdbx_nonpoly_scheme.entity_id 
_pdbx_nonpoly_scheme.mon_id 
_pdbx_nonpoly_scheme.ndb_seq_num 
_pdbx_nonpoly_scheme.pdb_seq_num 
_pdbx_nonpoly_scheme.auth_seq_num 
_pdbx_nonpoly_scheme.pdb_mon_id 
_pdbx_nonpoly_scheme.auth_mon_id 
_pdbx_nonpoly_scheme.pdb_strand_id 
_pdbx_nonpoly_scheme.pdb_ins_code 
B 2 1MN 1  201 1   1MN INH A . 
C 3 SO4 1  202 3   SO4 SO4 A . 
D 4 HOH 1  301 4   HOH HOH A . 
D 4 HOH 2  302 5   HOH HOH A . 
D 4 HOH 3  303 6   HOH HOH A . 
D 4 HOH 4  304 8   HOH HOH A . 
D 4 HOH 5  305 11  HOH HOH A . 
D 4 HOH 6  306 12  HOH HOH A . 
D 4 HOH 7  307 13  HOH HOH A . 
D 4 HOH 8  308 14  HOH HOH A . 
D 4 HOH 9  309 15  HOH HOH A . 
D 4 HOH 10 310 17  HOH HOH A . 
D 4 HOH 11 311 19  HOH HOH A . 
D 4 HOH 12 312 20  HOH HOH A . 
D 4 HOH 13 313 29  HOH HOH A . 
D 4 HOH 14 314 33  HOH HOH A . 
D 4 HOH 15 315 34  HOH HOH A . 
D 4 HOH 16 316 37  HOH HOH A . 
D 4 HOH 17 317 38  HOH HOH A . 
D 4 HOH 18 318 39  HOH HOH A . 
D 4 HOH 19 319 40  HOH HOH A . 
D 4 HOH 20 320 46  HOH HOH A . 
D 4 HOH 21 321 49  HOH HOH A . 
D 4 HOH 22 322 50  HOH HOH A . 
D 4 HOH 23 323 51  HOH HOH A . 
D 4 HOH 24 324 52  HOH HOH A . 
D 4 HOH 25 325 53  HOH HOH A . 
D 4 HOH 26 326 54  HOH HOH A . 
D 4 HOH 27 327 55  HOH HOH A . 
D 4 HOH 28 328 56  HOH HOH A . 
D 4 HOH 29 329 60  HOH HOH A . 
D 4 HOH 30 330 62  HOH HOH A . 
D 4 HOH 31 331 63  HOH HOH A . 
D 4 HOH 32 332 64  HOH HOH A . 
D 4 HOH 33 333 66  HOH HOH A . 
D 4 HOH 34 334 68  HOH HOH A . 
D 4 HOH 35 335 69  HOH HOH A . 
D 4 HOH 36 336 72  HOH HOH A . 
D 4 HOH 37 337 73  HOH HOH A . 
D 4 HOH 38 338 75  HOH HOH A . 
D 4 HOH 39 339 76  HOH HOH A . 
D 4 HOH 40 340 79  HOH HOH A . 
D 4 HOH 41 341 84  HOH HOH A . 
D 4 HOH 42 342 86  HOH HOH A . 
D 4 HOH 43 343 90  HOH HOH A . 
D 4 HOH 44 344 91  HOH HOH A . 
D 4 HOH 45 345 93  HOH HOH A . 
D 4 HOH 46 346 97  HOH HOH A . 
D 4 HOH 47 347 101 HOH HOH A . 
D 4 HOH 48 348 102 HOH HOH A . 
D 4 HOH 49 349 103 HOH HOH A . 
D 4 HOH 50 350 104 HOH HOH A . 
D 4 HOH 51 351 105 HOH HOH A . 
D 4 HOH 52 352 109 HOH HOH A . 
D 4 HOH 53 353 113 HOH HOH A . 
D 4 HOH 54 354 114 HOH HOH A . 
D 4 HOH 55 355 115 HOH HOH A . 
D 4 HOH 56 356 120 HOH HOH A . 
# 
loop_
_software.name 
_software.classification 
_software.version 
_software.citation_id 
_software.pdbx_ordinal 
CrystalClear 'data collection' . ? 1 
AMoRE        phasing           . ? 2 
CNS          refinement        . ? 3 
DENZO        'data reduction'  . ? 4 
SCALEPACK    'data scaling'    . ? 5 
# 
_cell.entry_id           4JV7 
_cell.length_a           59.846 
_cell.length_b           59.846 
_cell.length_c           75.275 
_cell.angle_alpha        90 
_cell.angle_beta         90 
_cell.angle_gamma        90 
_cell.Z_PDB              8 
_cell.pdbx_unique_axis   ? 
_cell.length_a_esd       ? 
_cell.length_b_esd       ? 
_cell.length_c_esd       ? 
_cell.angle_alpha_esd    ? 
_cell.angle_beta_esd     ? 
_cell.angle_gamma_esd    ? 
# 
_symmetry.entry_id                         4JV7 
_symmetry.space_group_name_H-M             'P 41 21 2' 
_symmetry.pdbx_full_space_group_name_H-M   ? 
_symmetry.cell_setting                     ? 
_symmetry.Int_Tables_number                92 
_symmetry.space_group_name_Hall            ? 
# 
_exptl.entry_id          4JV7 
_exptl.method            'X-RAY DIFFRACTION' 
_exptl.crystals_number   1 
# 
_exptl_crystal.id                    1 
_exptl_crystal.density_meas          ? 
_exptl_crystal.density_Matthews      3.02 
_exptl_crystal.density_percent_sol   59.28 
_exptl_crystal.description           ? 
_exptl_crystal.F_000                 ? 
_exptl_crystal.preparation           ? 
# 
_exptl_crystal_grow.crystal_id      1 
_exptl_crystal_grow.method          'VAPOR DIFFUSION, HANGING DROP' 
_exptl_crystal_grow.temp            277 
_exptl_crystal_grow.temp_details    ? 
_exptl_crystal_grow.pH              7.0 
_exptl_crystal_grow.pdbx_details    
'100 mM HEPES, pH 7.0, 2.1-2.6 M ammonium sulfate, VAPOR DIFFUSION, HANGING DROP, temperature 277K' 
_exptl_crystal_grow.pdbx_pH_range   ? 
# 
_diffrn.id                     1 
_diffrn.ambient_temp           100 
_diffrn.ambient_temp_details   ? 
_diffrn.crystal_id             1 
# 
_diffrn_detector.diffrn_id              1 
_diffrn_detector.detector               'IMAGE PLATE' 
_diffrn_detector.type                   'RIGAKU RAXIS IV++' 
_diffrn_detector.pdbx_collection_date   ? 
_diffrn_detector.details                ? 
# 
_diffrn_radiation.diffrn_id                        1 
_diffrn_radiation.wavelength_id                    1 
_diffrn_radiation.pdbx_monochromatic_or_laue_m_l   M 
_diffrn_radiation.monochromator                    ? 
_diffrn_radiation.pdbx_diffrn_protocol             'SINGLE WAVELENGTH' 
_diffrn_radiation.pdbx_scattering_type             x-ray 
# 
_diffrn_radiation_wavelength.id           1 
_diffrn_radiation_wavelength.wavelength   . 
_diffrn_radiation_wavelength.wt           1.0 
# 
_diffrn_source.diffrn_id                   1 
_diffrn_source.source                      'ROTATING ANODE' 
_diffrn_source.type                        'RIGAKU FR-E DW' 
_diffrn_source.pdbx_synchrotron_site       ? 
_diffrn_source.pdbx_synchrotron_beamline   ? 
_diffrn_source.pdbx_wavelength             ? 
_diffrn_source.pdbx_wavelength_list        ? 
# 
_reflns.entry_id                     4JV7 
_reflns.observed_criterion_sigma_I   -3.0 
_reflns.observed_criterion_sigma_F   ? 
_reflns.d_resolution_low             30.0 
_reflns.d_resolution_high            2.20 
_reflns.number_obs                   7250 
_reflns.number_all                   ? 
_reflns.percent_possible_obs         98.5 
_reflns.pdbx_Rmerge_I_obs            0.102 
_reflns.pdbx_Rsym_value              ? 
_reflns.pdbx_netI_over_sigmaI        ? 
_reflns.B_iso_Wilson_estimate        ? 
_reflns.pdbx_redundancy              ? 
_reflns.R_free_details               ? 
_reflns.limit_h_max                  ? 
_reflns.limit_h_min                  ? 
_reflns.limit_k_max                  ? 
_reflns.limit_k_min                  ? 
_reflns.limit_l_max                  ? 
_reflns.limit_l_min                  ? 
_reflns.observed_criterion_F_max     ? 
_reflns.observed_criterion_F_min     ? 
_reflns.pdbx_chi_squared             ? 
_reflns.pdbx_scaling_rejects         ? 
_reflns.pdbx_ordinal                 1 
_reflns.pdbx_diffrn_id               1 
# 
_reflns_shell.d_res_high             2.20 
_reflns_shell.d_res_low              2.28 
_reflns_shell.percent_possible_all   97.5 
_reflns_shell.Rmerge_I_obs           0.389 
_reflns_shell.pdbx_Rsym_value        ? 
_reflns_shell.meanI_over_sigI_obs    ? 
_reflns_shell.pdbx_redundancy        ? 
_reflns_shell.percent_possible_obs   ? 
_reflns_shell.number_unique_all      ? 
_reflns_shell.number_measured_all    ? 
_reflns_shell.number_measured_obs    ? 
_reflns_shell.number_unique_obs      ? 
_reflns_shell.pdbx_chi_squared       ? 
_reflns_shell.pdbx_ordinal           1 
_reflns_shell.pdbx_diffrn_id         1 
# 
_refine.entry_id                                 4JV7 
_refine.pdbx_refine_id                           'X-RAY DIFFRACTION' 
_refine.ls_d_res_high                            2.200 
_refine.ls_d_res_low                             30.0 
_refine.pdbx_ls_sigma_F                          0.0 
_refine.pdbx_data_cutoff_high_absF               ? 
_refine.pdbx_data_cutoff_low_absF                ? 
_refine.ls_percent_reflns_obs                    97.7 
_refine.ls_number_reflns_obs                     7219 
_refine.ls_number_reflns_all                     ? 
_refine.pdbx_ls_cross_valid_method               ? 
_refine.ls_matrix_type                           ? 
_refine.pdbx_R_Free_selection_details            RANDOM 
_refine.details                                  ? 
_refine.ls_R_factor_all                          ? 
_refine.ls_R_factor_obs                          ? 
_refine.ls_R_factor_R_work                       0.230 
_refine.ls_wR_factor_R_work                      ? 
_refine.ls_R_factor_R_free                       0.281 
_refine.ls_wR_factor_R_free                      ? 
_refine.ls_percent_reflns_R_free                 4.6 
_refine.ls_number_reflns_R_free                  337 
_refine.ls_number_reflns_R_work                  6882 
_refine.ls_R_factor_R_free_error                 ? 
_refine.B_iso_mean                               16.2344 
_refine.solvent_model_param_bsol                 ? 
_refine.solvent_model_param_ksol                 ? 
_refine.pdbx_isotropic_thermal_model             ? 
_refine.aniso_B[1][1]                            -0.0460 
_refine.aniso_B[2][2]                            -0.0460 
_refine.aniso_B[3][3]                            0.0920 
_refine.aniso_B[1][2]                            0.0000 
_refine.aniso_B[1][3]                            0.0000 
_refine.aniso_B[2][3]                            0.0000 
_refine.correlation_coeff_Fo_to_Fc               ? 
_refine.correlation_coeff_Fo_to_Fc_free          ? 
_refine.overall_SU_R_Cruickshank_DPI             ? 
_refine.pdbx_overall_SU_R_free_Cruickshank_DPI   ? 
_refine.pdbx_overall_SU_R_Blow_DPI               ? 
_refine.pdbx_overall_SU_R_free_Blow_DPI          ? 
_refine.overall_SU_R_free                        ? 
_refine.pdbx_overall_ESU_R                       ? 
_refine.pdbx_overall_ESU_R_Free                  ? 
_refine.overall_SU_ML                            ? 
_refine.overall_SU_B                             ? 
_refine.solvent_model_details                    ? 
_refine.pdbx_solvent_vdw_probe_radii             ? 
_refine.pdbx_solvent_ion_probe_radii             ? 
_refine.pdbx_solvent_shrinkage_radii             ? 
_refine.ls_number_parameters                     ? 
_refine.ls_number_restraints                     ? 
_refine.pdbx_starting_model                      ? 
_refine.pdbx_method_to_determine_struct          'MOLECULAR REPLACEMENT' 
_refine.pdbx_stereochemistry_target_values       'Engh & Huber' 
_refine.pdbx_stereochem_target_val_spec_case     ? 
_refine.overall_FOM_work_R_set                   ? 
_refine.B_iso_max                                54.830 
_refine.B_iso_min                                5.590 
_refine.pdbx_overall_phase_error                 ? 
_refine.occupancy_max                            1.000 
_refine.occupancy_min                            1.000 
_refine.pdbx_ls_sigma_I                          ? 
_refine.ls_redundancy_reflns_obs                 ? 
_refine.ls_R_factor_R_free_error_details         ? 
_refine.pdbx_data_cutoff_high_rms_absF           ? 
_refine.overall_FOM_free_R_set                   ? 
_refine.pdbx_diffrn_id                           1 
_refine.pdbx_TLS_residual_ADP_flag               ? 
# 
_refine_hist.pdbx_refine_id                   'X-RAY DIFFRACTION' 
_refine_hist.cycle_id                         LAST 
_refine_hist.pdbx_number_atoms_protein        703 
_refine_hist.pdbx_number_atoms_nucleic_acid   0 
_refine_hist.pdbx_number_atoms_ligand         34 
_refine_hist.number_atoms_solvent             56 
_refine_hist.number_atoms_total               793 
_refine_hist.d_res_high                       2.200 
_refine_hist.d_res_low                        30.0 
# 
loop_
_refine_ls_restr.pdbx_refine_id 
_refine_ls_restr.type 
_refine_ls_restr.number 
_refine_ls_restr.dev_ideal 
_refine_ls_restr.dev_ideal_target 
_refine_ls_restr.weight 
_refine_ls_restr.pdbx_restraint_function 
'X-RAY DIFFRACTION' c_mcbond_it  ? 0.757 1.500 ? ? 
'X-RAY DIFFRACTION' c_scbond_it  ? 1.273 2.000 ? ? 
'X-RAY DIFFRACTION' c_mcangle_it ? 1.295 2.000 ? ? 
'X-RAY DIFFRACTION' c_scangle_it ? 1.961 2.500 ? ? 
# 
loop_
_pdbx_xplor_file.pdbx_refine_id 
_pdbx_xplor_file.serial_no 
_pdbx_xplor_file.param_file 
_pdbx_xplor_file.topol_file 
'X-RAY DIFFRACTION' 1 mdm2.param                     ? 
'X-RAY DIFFRACTION' 2 2132050.xprm                   ? 
'X-RAY DIFFRACTION' 3 MSI_CNX_TOPPAR:ion.param       ? 
'X-RAY DIFFRACTION' 4 MSI_CNX_TOPPAR:water_rep.param ? 
# 
_struct.entry_id                  4JV7 
_struct.title                     
'Co-crystal structure of MDM2 with inhibitor (2S,5R,6S)-2-benzyl-5,6-bis(4-bromophenyl)-4-methylmorpholin-3-one' 
_struct.pdbx_model_details        ? 
_struct.pdbx_CASP_flag            ? 
_struct.pdbx_model_type_details   ? 
# 
_struct_keywords.entry_id        4JV7 
_struct_keywords.pdbx_keywords   'LIGASE/LIGASE INHIBITOR' 
_struct_keywords.text            'p53, protein-protein interaction, LIGASE-LIGASE INHIBITOR complex' 
# 
loop_
_struct_asym.id 
_struct_asym.pdbx_blank_PDB_chainid_flag 
_struct_asym.pdbx_modified 
_struct_asym.entity_id 
_struct_asym.details 
A N N 1 ? 
B N N 2 ? 
C N N 3 ? 
D N N 4 ? 
# 
_struct_ref.id                         1 
_struct_ref.db_name                    UNP 
_struct_ref.db_code                    MDM2_HUMAN 
_struct_ref.pdbx_db_accession          Q00987 
_struct_ref.entity_id                  1 
_struct_ref.pdbx_seq_one_letter_code   
;QIPASEQETLVRPKPLLLKLLKSVGAQKDTYTMKEVLFYLGQYIMTKRLYDEKQQHIVYCSNDLLGDLFGVPSFSVKEHR
KIYTMIYRNLVVVN
;
_struct_ref.pdbx_align_begin           18 
_struct_ref.pdbx_db_isoform            ? 
# 
_struct_ref_seq.align_id                      1 
_struct_ref_seq.ref_id                        1 
_struct_ref_seq.pdbx_PDB_id_code              4JV7 
_struct_ref_seq.pdbx_strand_id                A 
_struct_ref_seq.seq_align_beg                 1 
_struct_ref_seq.pdbx_seq_align_beg_ins_code   ? 
_struct_ref_seq.seq_align_end                 94 
_struct_ref_seq.pdbx_seq_align_end_ins_code   ? 
_struct_ref_seq.pdbx_db_accession             Q00987 
_struct_ref_seq.db_align_beg                  18 
_struct_ref_seq.pdbx_db_align_beg_ins_code    ? 
_struct_ref_seq.db_align_end                  111 
_struct_ref_seq.pdbx_db_align_end_ins_code    ? 
_struct_ref_seq.pdbx_auth_seq_align_beg       18 
_struct_ref_seq.pdbx_auth_seq_align_end       111 
# 
loop_
_struct_ref_seq_dif.align_id 
_struct_ref_seq_dif.pdbx_pdb_id_code 
_struct_ref_seq_dif.mon_id 
_struct_ref_seq_dif.pdbx_pdb_strand_id 
_struct_ref_seq_dif.seq_num 
_struct_ref_seq_dif.pdbx_pdb_ins_code 
_struct_ref_seq_dif.pdbx_seq_db_name 
_struct_ref_seq_dif.pdbx_seq_db_accession_code 
_struct_ref_seq_dif.db_mon_id 
_struct_ref_seq_dif.pdbx_seq_db_seq_num 
_struct_ref_seq_dif.details 
_struct_ref_seq_dif.pdbx_auth_seq_num 
_struct_ref_seq_dif.pdbx_ordinal 
1 4JV7 GLY A 95 ? UNP Q00987 ? ? 'expression tag' 112 1 
1 4JV7 SER A 96 ? UNP Q00987 ? ? 'expression tag' 113 2 
# 
_pdbx_struct_assembly.id                   1 
_pdbx_struct_assembly.details              author_and_software_defined_assembly 
_pdbx_struct_assembly.method_details       PISA 
_pdbx_struct_assembly.oligomeric_details   monomeric 
_pdbx_struct_assembly.oligomeric_count     1 
# 
_pdbx_struct_assembly_gen.assembly_id       1 
_pdbx_struct_assembly_gen.oper_expression   1 
_pdbx_struct_assembly_gen.asym_id_list      A,B,C,D 
# 
_pdbx_struct_oper_list.id                   1 
_pdbx_struct_oper_list.type                 'identity operation' 
_pdbx_struct_oper_list.name                 1_555 
_pdbx_struct_oper_list.symmetry_operation   x,y,z 
_pdbx_struct_oper_list.matrix[1][1]         1.0000000000 
_pdbx_struct_oper_list.matrix[1][2]         0.0000000000 
_pdbx_struct_oper_list.matrix[1][3]         0.0000000000 
_pdbx_struct_oper_list.vector[1]            0.0000000000 
_pdbx_struct_oper_list.matrix[2][1]         0.0000000000 
_pdbx_struct_oper_list.matrix[2][2]         1.0000000000 
_pdbx_struct_oper_list.matrix[2][3]         0.0000000000 
_pdbx_struct_oper_list.vector[2]            0.0000000000 
_pdbx_struct_oper_list.matrix[3][1]         0.0000000000 
_pdbx_struct_oper_list.matrix[3][2]         0.0000000000 
_pdbx_struct_oper_list.matrix[3][3]         1.0000000000 
_pdbx_struct_oper_list.vector[3]            0.0000000000 
# 
_struct_biol.id        1 
_struct_biol.details   ? 
# 
loop_
_struct_conf.conf_type_id 
_struct_conf.id 
_struct_conf.pdbx_PDB_helix_id 
_struct_conf.beg_label_comp_id 
_struct_conf.beg_label_asym_id 
_struct_conf.beg_label_seq_id 
_struct_conf.pdbx_beg_PDB_ins_code 
_struct_conf.end_label_comp_id 
_struct_conf.end_label_asym_id 
_struct_conf.end_label_seq_id 
_struct_conf.pdbx_end_PDB_ins_code 
_struct_conf.beg_auth_comp_id 
_struct_conf.beg_auth_asym_id 
_struct_conf.beg_auth_seq_id 
_struct_conf.end_auth_comp_id 
_struct_conf.end_auth_asym_id 
_struct_conf.end_auth_seq_id 
_struct_conf.pdbx_PDB_helix_class 
_struct_conf.details 
_struct_conf.pdbx_PDB_helix_length 
HELX_P HELX_P1 1 LYS A 14 ? SER A 23 ? LYS A 31 SER A 40  1 ? 10 
HELX_P HELX_P2 2 MET A 33 ? ARG A 48 ? MET A 50 ARG A 65  1 ? 16 
HELX_P HELX_P3 3 ASP A 63 ? GLY A 70 ? ASP A 80 GLY A 87  1 ? 8  
HELX_P HELX_P4 4 GLU A 78 ? ARG A 88 ? GLU A 95 ARG A 105 1 ? 11 
# 
_struct_conf_type.id          HELX_P 
_struct_conf_type.criteria    ? 
_struct_conf_type.reference   ? 
# 
loop_
_struct_sheet.id 
_struct_sheet.type 
_struct_sheet.number_strands 
_struct_sheet.details 
A ? 3 ? 
B ? 2 ? 
# 
loop_
_struct_sheet_order.sheet_id 
_struct_sheet_order.range_id_1 
_struct_sheet_order.range_id_2 
_struct_sheet_order.offset 
_struct_sheet_order.sense 
A 1 2 ? anti-parallel 
A 2 3 ? anti-parallel 
B 1 2 ? anti-parallel 
# 
loop_
_struct_sheet_range.sheet_id 
_struct_sheet_range.id 
_struct_sheet_range.beg_label_comp_id 
_struct_sheet_range.beg_label_asym_id 
_struct_sheet_range.beg_label_seq_id 
_struct_sheet_range.pdbx_beg_PDB_ins_code 
_struct_sheet_range.end_label_comp_id 
_struct_sheet_range.end_label_asym_id 
_struct_sheet_range.end_label_seq_id 
_struct_sheet_range.pdbx_end_PDB_ins_code 
_struct_sheet_range.beg_auth_comp_id 
_struct_sheet_range.beg_auth_asym_id 
_struct_sheet_range.beg_auth_seq_id 
_struct_sheet_range.end_auth_comp_id 
_struct_sheet_range.end_auth_asym_id 
_struct_sheet_range.end_auth_seq_id 
A 1 TYR A 31 ? THR A 32 ? TYR A 48  THR A 49  
A 2 LEU A 10 ? PRO A 13 ? LEU A 27  PRO A 30  
A 3 LEU A 90 ? VAL A 92 ? LEU A 107 VAL A 109 
B 1 ILE A 57 ? TYR A 59 ? ILE A 74  TYR A 76  
B 2 SER A 73 ? SER A 75 ? SER A 90  SER A 92  
# 
loop_
_pdbx_struct_sheet_hbond.sheet_id 
_pdbx_struct_sheet_hbond.range_id_1 
_pdbx_struct_sheet_hbond.range_id_2 
_pdbx_struct_sheet_hbond.range_1_label_atom_id 
_pdbx_struct_sheet_hbond.range_1_label_comp_id 
_pdbx_struct_sheet_hbond.range_1_label_asym_id 
_pdbx_struct_sheet_hbond.range_1_label_seq_id 
_pdbx_struct_sheet_hbond.range_1_PDB_ins_code 
_pdbx_struct_sheet_hbond.range_1_auth_atom_id 
_pdbx_struct_sheet_hbond.range_1_auth_comp_id 
_pdbx_struct_sheet_hbond.range_1_auth_asym_id 
_pdbx_struct_sheet_hbond.range_1_auth_seq_id 
_pdbx_struct_sheet_hbond.range_2_label_atom_id 
_pdbx_struct_sheet_hbond.range_2_label_comp_id 
_pdbx_struct_sheet_hbond.range_2_label_asym_id 
_pdbx_struct_sheet_hbond.range_2_label_seq_id 
_pdbx_struct_sheet_hbond.range_2_PDB_ins_code 
_pdbx_struct_sheet_hbond.range_2_auth_atom_id 
_pdbx_struct_sheet_hbond.range_2_auth_comp_id 
_pdbx_struct_sheet_hbond.range_2_auth_asym_id 
_pdbx_struct_sheet_hbond.range_2_auth_seq_id 
A 1 2 O TYR A 31 ? O TYR A 48 N VAL A 11 ? N VAL A 28  
A 2 3 N ARG A 12 ? N ARG A 29 O VAL A 91 ? O VAL A 108 
B 1 2 N VAL A 58 ? N VAL A 75 O PHE A 74 ? O PHE A 91  
# 
loop_
_struct_site.id 
_struct_site.pdbx_evidence_code 
_struct_site.pdbx_auth_asym_id 
_struct_site.pdbx_auth_comp_id 
_struct_site.pdbx_auth_seq_id 
_struct_site.pdbx_auth_ins_code 
_struct_site.pdbx_num_residues 
_struct_site.details 
AC1 Software A 1MN 201 ? 11 'BINDING SITE FOR RESIDUE 1MN A 201' 
AC2 Software A SO4 202 ? 6  'BINDING SITE FOR RESIDUE SO4 A 202' 
# 
loop_
_struct_site_gen.id 
_struct_site_gen.site_id 
_struct_site_gen.pdbx_num_res 
_struct_site_gen.label_comp_id 
_struct_site_gen.label_asym_id 
_struct_site_gen.label_seq_id 
_struct_site_gen.pdbx_auth_ins_code 
_struct_site_gen.auth_comp_id 
_struct_site_gen.auth_asym_id 
_struct_site_gen.auth_seq_id 
_struct_site_gen.label_atom_id 
_struct_site_gen.label_alt_id 
_struct_site_gen.symmetry 
_struct_site_gen.details 
1  AC1 11 LEU A 37 ? LEU A 54  . ? 1_555 ? 
2  AC1 11 PHE A 38 ? PHE A 55  . ? 1_555 ? 
3  AC1 11 GLY A 41 ? GLY A 58  . ? 1_555 ? 
4  AC1 11 GLN A 42 ? GLN A 59  . ? 1_555 ? 
5  AC1 11 MET A 45 ? MET A 62  . ? 1_555 ? 
6  AC1 11 GLN A 55 ? GLN A 72  . ? 1_555 ? 
7  AC1 11 ARG A 80 ? ARG A 97  . ? 4_544 ? 
8  AC1 11 ILE A 82 ? ILE A 99  . ? 1_555 ? 
9  AC1 11 THR A 84 ? THR A 101 . ? 4_544 ? 
10 AC1 11 TYR A 87 ? TYR A 104 . ? 4_544 ? 
11 AC1 11 HOH D .  ? HOH A 307 . ? 1_555 ? 
12 AC2 6  LYS A 34 ? LYS A 51  . ? 3_445 ? 
13 AC2 6  LYS A 77 ? LYS A 94  . ? 1_555 ? 
14 AC2 6  HIS A 79 ? HIS A 96  . ? 1_555 ? 
15 AC2 6  ARG A 80 ? ARG A 97  . ? 1_555 ? 
16 AC2 6  HOH D .  ? HOH A 302 . ? 1_555 ? 
17 AC2 6  HOH D .  ? HOH A 341 . ? 3_445 ? 
# 
_pdbx_validate_torsion.id              1 
_pdbx_validate_torsion.PDB_model_num   1 
_pdbx_validate_torsion.auth_comp_id    GLU 
_pdbx_validate_torsion.auth_asym_id    A 
_pdbx_validate_torsion.auth_seq_id     95 
_pdbx_validate_torsion.PDB_ins_code    ? 
_pdbx_validate_torsion.label_alt_id    ? 
_pdbx_validate_torsion.phi             -103.48 
_pdbx_validate_torsion.psi             78.44 
# 
_pdbx_struct_special_symmetry.id              1 
_pdbx_struct_special_symmetry.PDB_model_num   1 
_pdbx_struct_special_symmetry.auth_asym_id    A 
_pdbx_struct_special_symmetry.auth_comp_id    HOH 
_pdbx_struct_special_symmetry.auth_seq_id     301 
_pdbx_struct_special_symmetry.PDB_ins_code    ? 
_pdbx_struct_special_symmetry.label_asym_id   D 
_pdbx_struct_special_symmetry.label_comp_id   HOH 
_pdbx_struct_special_symmetry.label_seq_id    . 
# 
loop_
_pdbx_unobs_or_zero_occ_residues.id 
_pdbx_unobs_or_zero_occ_residues.PDB_model_num 
_pdbx_unobs_or_zero_occ_residues.polymer_flag 
_pdbx_unobs_or_zero_occ_residues.occupancy_flag 
_pdbx_unobs_or_zero_occ_residues.auth_asym_id 
_pdbx_unobs_or_zero_occ_residues.auth_comp_id 
_pdbx_unobs_or_zero_occ_residues.auth_seq_id 
_pdbx_unobs_or_zero_occ_residues.PDB_ins_code 
_pdbx_unobs_or_zero_occ_residues.label_asym_id 
_pdbx_unobs_or_zero_occ_residues.label_comp_id 
_pdbx_unobs_or_zero_occ_residues.label_seq_id 
1  1 Y 1 A GLN 18  ? A GLN 1  
2  1 Y 1 A ILE 19  ? A ILE 2  
3  1 Y 1 A PRO 20  ? A PRO 3  
4  1 Y 1 A ALA 21  ? A ALA 4  
5  1 Y 1 A SER 22  ? A SER 5  
6  1 Y 1 A GLU 23  ? A GLU 6  
7  1 Y 1 A GLN 24  ? A GLN 7  
8  1 Y 1 A GLU 25  ? A GLU 8  
9  1 Y 1 A ASN 111 ? A ASN 94 
10 1 Y 1 A GLY 112 ? A GLY 95 
11 1 Y 1 A SER 113 ? A SER 96 
# 
loop_
_chem_comp_atom.comp_id 
_chem_comp_atom.atom_id 
_chem_comp_atom.type_symbol 
_chem_comp_atom.pdbx_aromatic_flag 
_chem_comp_atom.pdbx_stereo_config 
_chem_comp_atom.pdbx_ordinal 
1MN C3   C  Y N 1   
1MN C2   C  Y N 2   
1MN C1   C  Y N 3   
1MN BR1  BR N N 4   
1MN C4   C  Y N 5   
1MN C5   C  Y N 6   
1MN C6   C  Y N 7   
1MN C7   C  N R 8   
1MN N1   N  N N 9   
1MN C8   C  N N 10  
1MN C9   C  N N 11  
1MN O1   O  N N 12  
1MN C10  C  N S 13  
1MN C11  C  N N 14  
1MN C12  C  Y N 15  
1MN C13  C  Y N 16  
1MN C14  C  Y N 17  
1MN C15  C  Y N 18  
1MN C16  C  Y N 19  
1MN C17  C  Y N 20  
1MN O2   O  N N 21  
1MN C18  C  N S 22  
1MN C19  C  Y N 23  
1MN C20  C  Y N 24  
1MN C21  C  Y N 25  
1MN C22  C  Y N 26  
1MN BR2  BR N N 27  
1MN C23  C  Y N 28  
1MN C24  C  Y N 29  
1MN H1   H  N N 30  
1MN H2   H  N N 31  
1MN H3   H  N N 32  
1MN H4   H  N N 33  
1MN H5   H  N N 34  
1MN H6   H  N N 35  
1MN H7   H  N N 36  
1MN H8   H  N N 37  
1MN H9   H  N N 38  
1MN H10  H  N N 39  
1MN H11  H  N N 40  
1MN H12  H  N N 41  
1MN H13  H  N N 42  
1MN H14  H  N N 43  
1MN H15  H  N N 44  
1MN H16  H  N N 45  
1MN H17  H  N N 46  
1MN H18  H  N N 47  
1MN H19  H  N N 48  
1MN H20  H  N N 49  
1MN H21  H  N N 50  
ALA N    N  N N 51  
ALA CA   C  N S 52  
ALA C    C  N N 53  
ALA O    O  N N 54  
ALA CB   C  N N 55  
ALA OXT  O  N N 56  
ALA H    H  N N 57  
ALA H2   H  N N 58  
ALA HA   H  N N 59  
ALA HB1  H  N N 60  
ALA HB2  H  N N 61  
ALA HB3  H  N N 62  
ALA HXT  H  N N 63  
ARG N    N  N N 64  
ARG CA   C  N S 65  
ARG C    C  N N 66  
ARG O    O  N N 67  
ARG CB   C  N N 68  
ARG CG   C  N N 69  
ARG CD   C  N N 70  
ARG NE   N  N N 71  
ARG CZ   C  N N 72  
ARG NH1  N  N N 73  
ARG NH2  N  N N 74  
ARG OXT  O  N N 75  
ARG H    H  N N 76  
ARG H2   H  N N 77  
ARG HA   H  N N 78  
ARG HB2  H  N N 79  
ARG HB3  H  N N 80  
ARG HG2  H  N N 81  
ARG HG3  H  N N 82  
ARG HD2  H  N N 83  
ARG HD3  H  N N 84  
ARG HE   H  N N 85  
ARG HH11 H  N N 86  
ARG HH12 H  N N 87  
ARG HH21 H  N N 88  
ARG HH22 H  N N 89  
ARG HXT  H  N N 90  
ASN N    N  N N 91  
ASN CA   C  N S 92  
ASN C    C  N N 93  
ASN O    O  N N 94  
ASN CB   C  N N 95  
ASN CG   C  N N 96  
ASN OD1  O  N N 97  
ASN ND2  N  N N 98  
ASN OXT  O  N N 99  
ASN H    H  N N 100 
ASN H2   H  N N 101 
ASN HA   H  N N 102 
ASN HB2  H  N N 103 
ASN HB3  H  N N 104 
ASN HD21 H  N N 105 
ASN HD22 H  N N 106 
ASN HXT  H  N N 107 
ASP N    N  N N 108 
ASP CA   C  N S 109 
ASP C    C  N N 110 
ASP O    O  N N 111 
ASP CB   C  N N 112 
ASP CG   C  N N 113 
ASP OD1  O  N N 114 
ASP OD2  O  N N 115 
ASP OXT  O  N N 116 
ASP H    H  N N 117 
ASP H2   H  N N 118 
ASP HA   H  N N 119 
ASP HB2  H  N N 120 
ASP HB3  H  N N 121 
ASP HD2  H  N N 122 
ASP HXT  H  N N 123 
CYS N    N  N N 124 
CYS CA   C  N R 125 
CYS C    C  N N 126 
CYS O    O  N N 127 
CYS CB   C  N N 128 
CYS SG   S  N N 129 
CYS OXT  O  N N 130 
CYS H    H  N N 131 
CYS H2   H  N N 132 
CYS HA   H  N N 133 
CYS HB2  H  N N 134 
CYS HB3  H  N N 135 
CYS HG   H  N N 136 
CYS HXT  H  N N 137 
GLN N    N  N N 138 
GLN CA   C  N S 139 
GLN C    C  N N 140 
GLN O    O  N N 141 
GLN CB   C  N N 142 
GLN CG   C  N N 143 
GLN CD   C  N N 144 
GLN OE1  O  N N 145 
GLN NE2  N  N N 146 
GLN OXT  O  N N 147 
GLN H    H  N N 148 
GLN H2   H  N N 149 
GLN HA   H  N N 150 
GLN HB2  H  N N 151 
GLN HB3  H  N N 152 
GLN HG2  H  N N 153 
GLN HG3  H  N N 154 
GLN HE21 H  N N 155 
GLN HE22 H  N N 156 
GLN HXT  H  N N 157 
GLU N    N  N N 158 
GLU CA   C  N S 159 
GLU C    C  N N 160 
GLU O    O  N N 161 
GLU CB   C  N N 162 
GLU CG   C  N N 163 
GLU CD   C  N N 164 
GLU OE1  O  N N 165 
GLU OE2  O  N N 166 
GLU OXT  O  N N 167 
GLU H    H  N N 168 
GLU H2   H  N N 169 
GLU HA   H  N N 170 
GLU HB2  H  N N 171 
GLU HB3  H  N N 172 
GLU HG2  H  N N 173 
GLU HG3  H  N N 174 
GLU HE2  H  N N 175 
GLU HXT  H  N N 176 
GLY N    N  N N 177 
GLY CA   C  N N 178 
GLY C    C  N N 179 
GLY O    O  N N 180 
GLY OXT  O  N N 181 
GLY H    H  N N 182 
GLY H2   H  N N 183 
GLY HA2  H  N N 184 
GLY HA3  H  N N 185 
GLY HXT  H  N N 186 
HIS N    N  N N 187 
HIS CA   C  N S 188 
HIS C    C  N N 189 
HIS O    O  N N 190 
HIS CB   C  N N 191 
HIS CG   C  Y N 192 
HIS ND1  N  Y N 193 
HIS CD2  C  Y N 194 
HIS CE1  C  Y N 195 
HIS NE2  N  Y N 196 
HIS OXT  O  N N 197 
HIS H    H  N N 198 
HIS H2   H  N N 199 
HIS HA   H  N N 200 
HIS HB2  H  N N 201 
HIS HB3  H  N N 202 
HIS HD1  H  N N 203 
HIS HD2  H  N N 204 
HIS HE1  H  N N 205 
HIS HE2  H  N N 206 
HIS HXT  H  N N 207 
HOH O    O  N N 208 
HOH H1   H  N N 209 
HOH H2   H  N N 210 
ILE N    N  N N 211 
ILE CA   C  N S 212 
ILE C    C  N N 213 
ILE O    O  N N 214 
ILE CB   C  N S 215 
ILE CG1  C  N N 216 
ILE CG2  C  N N 217 
ILE CD1  C  N N 218 
ILE OXT  O  N N 219 
ILE H    H  N N 220 
ILE H2   H  N N 221 
ILE HA   H  N N 222 
ILE HB   H  N N 223 
ILE HG12 H  N N 224 
ILE HG13 H  N N 225 
ILE HG21 H  N N 226 
ILE HG22 H  N N 227 
ILE HG23 H  N N 228 
ILE HD11 H  N N 229 
ILE HD12 H  N N 230 
ILE HD13 H  N N 231 
ILE HXT  H  N N 232 
LEU N    N  N N 233 
LEU CA   C  N S 234 
LEU C    C  N N 235 
LEU O    O  N N 236 
LEU CB   C  N N 237 
LEU CG   C  N N 238 
LEU CD1  C  N N 239 
LEU CD2  C  N N 240 
LEU OXT  O  N N 241 
LEU H    H  N N 242 
LEU H2   H  N N 243 
LEU HA   H  N N 244 
LEU HB2  H  N N 245 
LEU HB3  H  N N 246 
LEU HG   H  N N 247 
LEU HD11 H  N N 248 
LEU HD12 H  N N 249 
LEU HD13 H  N N 250 
LEU HD21 H  N N 251 
LEU HD22 H  N N 252 
LEU HD23 H  N N 253 
LEU HXT  H  N N 254 
LYS N    N  N N 255 
LYS CA   C  N S 256 
LYS C    C  N N 257 
LYS O    O  N N 258 
LYS CB   C  N N 259 
LYS CG   C  N N 260 
LYS CD   C  N N 261 
LYS CE   C  N N 262 
LYS NZ   N  N N 263 
LYS OXT  O  N N 264 
LYS H    H  N N 265 
LYS H2   H  N N 266 
LYS HA   H  N N 267 
LYS HB2  H  N N 268 
LYS HB3  H  N N 269 
LYS HG2  H  N N 270 
LYS HG3  H  N N 271 
LYS HD2  H  N N 272 
LYS HD3  H  N N 273 
LYS HE2  H  N N 274 
LYS HE3  H  N N 275 
LYS HZ1  H  N N 276 
LYS HZ2  H  N N 277 
LYS HZ3  H  N N 278 
LYS HXT  H  N N 279 
MET N    N  N N 280 
MET CA   C  N S 281 
MET C    C  N N 282 
MET O    O  N N 283 
MET CB   C  N N 284 
MET CG   C  N N 285 
MET SD   S  N N 286 
MET CE   C  N N 287 
MET OXT  O  N N 288 
MET H    H  N N 289 
MET H2   H  N N 290 
MET HA   H  N N 291 
MET HB2  H  N N 292 
MET HB3  H  N N 293 
MET HG2  H  N N 294 
MET HG3  H  N N 295 
MET HE1  H  N N 296 
MET HE2  H  N N 297 
MET HE3  H  N N 298 
MET HXT  H  N N 299 
PHE N    N  N N 300 
PHE CA   C  N S 301 
PHE C    C  N N 302 
PHE O    O  N N 303 
PHE CB   C  N N 304 
PHE CG   C  Y N 305 
PHE CD1  C  Y N 306 
PHE CD2  C  Y N 307 
PHE CE1  C  Y N 308 
PHE CE2  C  Y N 309 
PHE CZ   C  Y N 310 
PHE OXT  O  N N 311 
PHE H    H  N N 312 
PHE H2   H  N N 313 
PHE HA   H  N N 314 
PHE HB2  H  N N 315 
PHE HB3  H  N N 316 
PHE HD1  H  N N 317 
PHE HD2  H  N N 318 
PHE HE1  H  N N 319 
PHE HE2  H  N N 320 
PHE HZ   H  N N 321 
PHE HXT  H  N N 322 
PRO N    N  N N 323 
PRO CA   C  N S 324 
PRO C    C  N N 325 
PRO O    O  N N 326 
PRO CB   C  N N 327 
PRO CG   C  N N 328 
PRO CD   C  N N 329 
PRO OXT  O  N N 330 
PRO H    H  N N 331 
PRO HA   H  N N 332 
PRO HB2  H  N N 333 
PRO HB3  H  N N 334 
PRO HG2  H  N N 335 
PRO HG3  H  N N 336 
PRO HD2  H  N N 337 
PRO HD3  H  N N 338 
PRO HXT  H  N N 339 
SER N    N  N N 340 
SER CA   C  N S 341 
SER C    C  N N 342 
SER O    O  N N 343 
SER CB   C  N N 344 
SER OG   O  N N 345 
SER OXT  O  N N 346 
SER H    H  N N 347 
SER H2   H  N N 348 
SER HA   H  N N 349 
SER HB2  H  N N 350 
SER HB3  H  N N 351 
SER HG   H  N N 352 
SER HXT  H  N N 353 
SO4 S    S  N N 354 
SO4 O1   O  N N 355 
SO4 O2   O  N N 356 
SO4 O3   O  N N 357 
SO4 O4   O  N N 358 
THR N    N  N N 359 
THR CA   C  N S 360 
THR C    C  N N 361 
THR O    O  N N 362 
THR CB   C  N R 363 
THR OG1  O  N N 364 
THR CG2  C  N N 365 
THR OXT  O  N N 366 
THR H    H  N N 367 
THR H2   H  N N 368 
THR HA   H  N N 369 
THR HB   H  N N 370 
THR HG1  H  N N 371 
THR HG21 H  N N 372 
THR HG22 H  N N 373 
THR HG23 H  N N 374 
THR HXT  H  N N 375 
TYR N    N  N N 376 
TYR CA   C  N S 377 
TYR C    C  N N 378 
TYR O    O  N N 379 
TYR CB   C  N N 380 
TYR CG   C  Y N 381 
TYR CD1  C  Y N 382 
TYR CD2  C  Y N 383 
TYR CE1  C  Y N 384 
TYR CE2  C  Y N 385 
TYR CZ   C  Y N 386 
TYR OH   O  N N 387 
TYR OXT  O  N N 388 
TYR H    H  N N 389 
TYR H2   H  N N 390 
TYR HA   H  N N 391 
TYR HB2  H  N N 392 
TYR HB3  H  N N 393 
TYR HD1  H  N N 394 
TYR HD2  H  N N 395 
TYR HE1  H  N N 396 
TYR HE2  H  N N 397 
TYR HH   H  N N 398 
TYR HXT  H  N N 399 
VAL N    N  N N 400 
VAL CA   C  N S 401 
VAL C    C  N N 402 
VAL O    O  N N 403 
VAL CB   C  N N 404 
VAL CG1  C  N N 405 
VAL CG2  C  N N 406 
VAL OXT  O  N N 407 
VAL H    H  N N 408 
VAL H2   H  N N 409 
VAL HA   H  N N 410 
VAL HB   H  N N 411 
VAL HG11 H  N N 412 
VAL HG12 H  N N 413 
VAL HG13 H  N N 414 
VAL HG21 H  N N 415 
VAL HG22 H  N N 416 
VAL HG23 H  N N 417 
VAL HXT  H  N N 418 
# 
loop_
_chem_comp_bond.comp_id 
_chem_comp_bond.atom_id_1 
_chem_comp_bond.atom_id_2 
_chem_comp_bond.value_order 
_chem_comp_bond.pdbx_aromatic_flag 
_chem_comp_bond.pdbx_stereo_config 
_chem_comp_bond.pdbx_ordinal 
1MN C15 C16  doub Y N 1   
1MN C15 C14  sing Y N 2   
1MN C16 C17  sing Y N 3   
1MN C14 C13  doub Y N 4   
1MN C17 C12  doub Y N 5   
1MN C13 C12  sing Y N 6   
1MN C12 C11  sing N N 7   
1MN C11 C10  sing N N 8   
1MN C10 C9   sing N N 9   
1MN C10 O2   sing N N 10  
1MN O1  C9   doub N N 11  
1MN C9  N1   sing N N 12  
1MN O2  C18  sing N N 13  
1MN C18 C19  sing N N 14  
1MN C18 C7   sing N N 15  
1MN N1  C7   sing N N 16  
1MN N1  C8   sing N N 17  
1MN C19 C24  doub Y N 18  
1MN C19 C20  sing Y N 19  
1MN C24 C23  sing Y N 20  
1MN C7  C6   sing N N 21  
1MN C20 C21  doub Y N 22  
1MN C23 C22  doub Y N 23  
1MN C21 C22  sing Y N 24  
1MN C22 BR2  sing N N 25  
1MN C5  C6   doub Y N 26  
1MN C5  C4   sing Y N 27  
1MN C6  C3   sing Y N 28  
1MN C4  C1   doub Y N 29  
1MN C3  C2   doub Y N 30  
1MN C1  C2   sing Y N 31  
1MN C1  BR1  sing N N 32  
1MN C3  H1   sing N N 33  
1MN C2  H2   sing N N 34  
1MN C4  H3   sing N N 35  
1MN C5  H4   sing N N 36  
1MN C7  H5   sing N N 37  
1MN C8  H6   sing N N 38  
1MN C8  H7   sing N N 39  
1MN C8  H8   sing N N 40  
1MN C10 H9   sing N N 41  
1MN C11 H10  sing N N 42  
1MN C11 H11  sing N N 43  
1MN C13 H12  sing N N 44  
1MN C14 H13  sing N N 45  
1MN C15 H14  sing N N 46  
1MN C16 H15  sing N N 47  
1MN C17 H16  sing N N 48  
1MN C18 H17  sing N N 49  
1MN C20 H18  sing N N 50  
1MN C21 H19  sing N N 51  
1MN C23 H20  sing N N 52  
1MN C24 H21  sing N N 53  
ALA N   CA   sing N N 54  
ALA N   H    sing N N 55  
ALA N   H2   sing N N 56  
ALA CA  C    sing N N 57  
ALA CA  CB   sing N N 58  
ALA CA  HA   sing N N 59  
ALA C   O    doub N N 60  
ALA C   OXT  sing N N 61  
ALA CB  HB1  sing N N 62  
ALA CB  HB2  sing N N 63  
ALA CB  HB3  sing N N 64  
ALA OXT HXT  sing N N 65  
ARG N   CA   sing N N 66  
ARG N   H    sing N N 67  
ARG N   H2   sing N N 68  
ARG CA  C    sing N N 69  
ARG CA  CB   sing N N 70  
ARG CA  HA   sing N N 71  
ARG C   O    doub N N 72  
ARG C   OXT  sing N N 73  
ARG CB  CG   sing N N 74  
ARG CB  HB2  sing N N 75  
ARG CB  HB3  sing N N 76  
ARG CG  CD   sing N N 77  
ARG CG  HG2  sing N N 78  
ARG CG  HG3  sing N N 79  
ARG CD  NE   sing N N 80  
ARG CD  HD2  sing N N 81  
ARG CD  HD3  sing N N 82  
ARG NE  CZ   sing N N 83  
ARG NE  HE   sing N N 84  
ARG CZ  NH1  sing N N 85  
ARG CZ  NH2  doub N N 86  
ARG NH1 HH11 sing N N 87  
ARG NH1 HH12 sing N N 88  
ARG NH2 HH21 sing N N 89  
ARG NH2 HH22 sing N N 90  
ARG OXT HXT  sing N N 91  
ASN N   CA   sing N N 92  
ASN N   H    sing N N 93  
ASN N   H2   sing N N 94  
ASN CA  C    sing N N 95  
ASN CA  CB   sing N N 96  
ASN CA  HA   sing N N 97  
ASN C   O    doub N N 98  
ASN C   OXT  sing N N 99  
ASN CB  CG   sing N N 100 
ASN CB  HB2  sing N N 101 
ASN CB  HB3  sing N N 102 
ASN CG  OD1  doub N N 103 
ASN CG  ND2  sing N N 104 
ASN ND2 HD21 sing N N 105 
ASN ND2 HD22 sing N N 106 
ASN OXT HXT  sing N N 107 
ASP N   CA   sing N N 108 
ASP N   H    sing N N 109 
ASP N   H2   sing N N 110 
ASP CA  C    sing N N 111 
ASP CA  CB   sing N N 112 
ASP CA  HA   sing N N 113 
ASP C   O    doub N N 114 
ASP C   OXT  sing N N 115 
ASP CB  CG   sing N N 116 
ASP CB  HB2  sing N N 117 
ASP CB  HB3  sing N N 118 
ASP CG  OD1  doub N N 119 
ASP CG  OD2  sing N N 120 
ASP OD2 HD2  sing N N 121 
ASP OXT HXT  sing N N 122 
CYS N   CA   sing N N 123 
CYS N   H    sing N N 124 
CYS N   H2   sing N N 125 
CYS CA  C    sing N N 126 
CYS CA  CB   sing N N 127 
CYS CA  HA   sing N N 128 
CYS C   O    doub N N 129 
CYS C   OXT  sing N N 130 
CYS CB  SG   sing N N 131 
CYS CB  HB2  sing N N 132 
CYS CB  HB3  sing N N 133 
CYS SG  HG   sing N N 134 
CYS OXT HXT  sing N N 135 
GLN N   CA   sing N N 136 
GLN N   H    sing N N 137 
GLN N   H2   sing N N 138 
GLN CA  C    sing N N 139 
GLN CA  CB   sing N N 140 
GLN CA  HA   sing N N 141 
GLN C   O    doub N N 142 
GLN C   OXT  sing N N 143 
GLN CB  CG   sing N N 144 
GLN CB  HB2  sing N N 145 
GLN CB  HB3  sing N N 146 
GLN CG  CD   sing N N 147 
GLN CG  HG2  sing N N 148 
GLN CG  HG3  sing N N 149 
GLN CD  OE1  doub N N 150 
GLN CD  NE2  sing N N 151 
GLN NE2 HE21 sing N N 152 
GLN NE2 HE22 sing N N 153 
GLN OXT HXT  sing N N 154 
GLU N   CA   sing N N 155 
GLU N   H    sing N N 156 
GLU N   H2   sing N N 157 
GLU CA  C    sing N N 158 
GLU CA  CB   sing N N 159 
GLU CA  HA   sing N N 160 
GLU C   O    doub N N 161 
GLU C   OXT  sing N N 162 
GLU CB  CG   sing N N 163 
GLU CB  HB2  sing N N 164 
GLU CB  HB3  sing N N 165 
GLU CG  CD   sing N N 166 
GLU CG  HG2  sing N N 167 
GLU CG  HG3  sing N N 168 
GLU CD  OE1  doub N N 169 
GLU CD  OE2  sing N N 170 
GLU OE2 HE2  sing N N 171 
GLU OXT HXT  sing N N 172 
GLY N   CA   sing N N 173 
GLY N   H    sing N N 174 
GLY N   H2   sing N N 175 
GLY CA  C    sing N N 176 
GLY CA  HA2  sing N N 177 
GLY CA  HA3  sing N N 178 
GLY C   O    doub N N 179 
GLY C   OXT  sing N N 180 
GLY OXT HXT  sing N N 181 
HIS N   CA   sing N N 182 
HIS N   H    sing N N 183 
HIS N   H2   sing N N 184 
HIS CA  C    sing N N 185 
HIS CA  CB   sing N N 186 
HIS CA  HA   sing N N 187 
HIS C   O    doub N N 188 
HIS C   OXT  sing N N 189 
HIS CB  CG   sing N N 190 
HIS CB  HB2  sing N N 191 
HIS CB  HB3  sing N N 192 
HIS CG  ND1  sing Y N 193 
HIS CG  CD2  doub Y N 194 
HIS ND1 CE1  doub Y N 195 
HIS ND1 HD1  sing N N 196 
HIS CD2 NE2  sing Y N 197 
HIS CD2 HD2  sing N N 198 
HIS CE1 NE2  sing Y N 199 
HIS CE1 HE1  sing N N 200 
HIS NE2 HE2  sing N N 201 
HIS OXT HXT  sing N N 202 
HOH O   H1   sing N N 203 
HOH O   H2   sing N N 204 
ILE N   CA   sing N N 205 
ILE N   H    sing N N 206 
ILE N   H2   sing N N 207 
ILE CA  C    sing N N 208 
ILE CA  CB   sing N N 209 
ILE CA  HA   sing N N 210 
ILE C   O    doub N N 211 
ILE C   OXT  sing N N 212 
ILE CB  CG1  sing N N 213 
ILE CB  CG2  sing N N 214 
ILE CB  HB   sing N N 215 
ILE CG1 CD1  sing N N 216 
ILE CG1 HG12 sing N N 217 
ILE CG1 HG13 sing N N 218 
ILE CG2 HG21 sing N N 219 
ILE CG2 HG22 sing N N 220 
ILE CG2 HG23 sing N N 221 
ILE CD1 HD11 sing N N 222 
ILE CD1 HD12 sing N N 223 
ILE CD1 HD13 sing N N 224 
ILE OXT HXT  sing N N 225 
LEU N   CA   sing N N 226 
LEU N   H    sing N N 227 
LEU N   H2   sing N N 228 
LEU CA  C    sing N N 229 
LEU CA  CB   sing N N 230 
LEU CA  HA   sing N N 231 
LEU C   O    doub N N 232 
LEU C   OXT  sing N N 233 
LEU CB  CG   sing N N 234 
LEU CB  HB2  sing N N 235 
LEU CB  HB3  sing N N 236 
LEU CG  CD1  sing N N 237 
LEU CG  CD2  sing N N 238 
LEU CG  HG   sing N N 239 
LEU CD1 HD11 sing N N 240 
LEU CD1 HD12 sing N N 241 
LEU CD1 HD13 sing N N 242 
LEU CD2 HD21 sing N N 243 
LEU CD2 HD22 sing N N 244 
LEU CD2 HD23 sing N N 245 
LEU OXT HXT  sing N N 246 
LYS N   CA   sing N N 247 
LYS N   H    sing N N 248 
LYS N   H2   sing N N 249 
LYS CA  C    sing N N 250 
LYS CA  CB   sing N N 251 
LYS CA  HA   sing N N 252 
LYS C   O    doub N N 253 
LYS C   OXT  sing N N 254 
LYS CB  CG   sing N N 255 
LYS CB  HB2  sing N N 256 
LYS CB  HB3  sing N N 257 
LYS CG  CD   sing N N 258 
LYS CG  HG2  sing N N 259 
LYS CG  HG3  sing N N 260 
LYS CD  CE   sing N N 261 
LYS CD  HD2  sing N N 262 
LYS CD  HD3  sing N N 263 
LYS CE  NZ   sing N N 264 
LYS CE  HE2  sing N N 265 
LYS CE  HE3  sing N N 266 
LYS NZ  HZ1  sing N N 267 
LYS NZ  HZ2  sing N N 268 
LYS NZ  HZ3  sing N N 269 
LYS OXT HXT  sing N N 270 
MET N   CA   sing N N 271 
MET N   H    sing N N 272 
MET N   H2   sing N N 273 
MET CA  C    sing N N 274 
MET CA  CB   sing N N 275 
MET CA  HA   sing N N 276 
MET C   O    doub N N 277 
MET C   OXT  sing N N 278 
MET CB  CG   sing N N 279 
MET CB  HB2  sing N N 280 
MET CB  HB3  sing N N 281 
MET CG  SD   sing N N 282 
MET CG  HG2  sing N N 283 
MET CG  HG3  sing N N 284 
MET SD  CE   sing N N 285 
MET CE  HE1  sing N N 286 
MET CE  HE2  sing N N 287 
MET CE  HE3  sing N N 288 
MET OXT HXT  sing N N 289 
PHE N   CA   sing N N 290 
PHE N   H    sing N N 291 
PHE N   H2   sing N N 292 
PHE CA  C    sing N N 293 
PHE CA  CB   sing N N 294 
PHE CA  HA   sing N N 295 
PHE C   O    doub N N 296 
PHE C   OXT  sing N N 297 
PHE CB  CG   sing N N 298 
PHE CB  HB2  sing N N 299 
PHE CB  HB3  sing N N 300 
PHE CG  CD1  doub Y N 301 
PHE CG  CD2  sing Y N 302 
PHE CD1 CE1  sing Y N 303 
PHE CD1 HD1  sing N N 304 
PHE CD2 CE2  doub Y N 305 
PHE CD2 HD2  sing N N 306 
PHE CE1 CZ   doub Y N 307 
PHE CE1 HE1  sing N N 308 
PHE CE2 CZ   sing Y N 309 
PHE CE2 HE2  sing N N 310 
PHE CZ  HZ   sing N N 311 
PHE OXT HXT  sing N N 312 
PRO N   CA   sing N N 313 
PRO N   CD   sing N N 314 
PRO N   H    sing N N 315 
PRO CA  C    sing N N 316 
PRO CA  CB   sing N N 317 
PRO CA  HA   sing N N 318 
PRO C   O    doub N N 319 
PRO C   OXT  sing N N 320 
PRO CB  CG   sing N N 321 
PRO CB  HB2  sing N N 322 
PRO CB  HB3  sing N N 323 
PRO CG  CD   sing N N 324 
PRO CG  HG2  sing N N 325 
PRO CG  HG3  sing N N 326 
PRO CD  HD2  sing N N 327 
PRO CD  HD3  sing N N 328 
PRO OXT HXT  sing N N 329 
SER N   CA   sing N N 330 
SER N   H    sing N N 331 
SER N   H2   sing N N 332 
SER CA  C    sing N N 333 
SER CA  CB   sing N N 334 
SER CA  HA   sing N N 335 
SER C   O    doub N N 336 
SER C   OXT  sing N N 337 
SER CB  OG   sing N N 338 
SER CB  HB2  sing N N 339 
SER CB  HB3  sing N N 340 
SER OG  HG   sing N N 341 
SER OXT HXT  sing N N 342 
SO4 S   O1   doub N N 343 
SO4 S   O2   doub N N 344 
SO4 S   O3   sing N N 345 
SO4 S   O4   sing N N 346 
THR N   CA   sing N N 347 
THR N   H    sing N N 348 
THR N   H2   sing N N 349 
THR CA  C    sing N N 350 
THR CA  CB   sing N N 351 
THR CA  HA   sing N N 352 
THR C   O    doub N N 353 
THR C   OXT  sing N N 354 
THR CB  OG1  sing N N 355 
THR CB  CG2  sing N N 356 
THR CB  HB   sing N N 357 
THR OG1 HG1  sing N N 358 
THR CG2 HG21 sing N N 359 
THR CG2 HG22 sing N N 360 
THR CG2 HG23 sing N N 361 
THR OXT HXT  sing N N 362 
TYR N   CA   sing N N 363 
TYR N   H    sing N N 364 
TYR N   H2   sing N N 365 
TYR CA  C    sing N N 366 
TYR CA  CB   sing N N 367 
TYR CA  HA   sing N N 368 
TYR C   O    doub N N 369 
TYR C   OXT  sing N N 370 
TYR CB  CG   sing N N 371 
TYR CB  HB2  sing N N 372 
TYR CB  HB3  sing N N 373 
TYR CG  CD1  doub Y N 374 
TYR CG  CD2  sing Y N 375 
TYR CD1 CE1  sing Y N 376 
TYR CD1 HD1  sing N N 377 
TYR CD2 CE2  doub Y N 378 
TYR CD2 HD2  sing N N 379 
TYR CE1 CZ   doub Y N 380 
TYR CE1 HE1  sing N N 381 
TYR CE2 CZ   sing Y N 382 
TYR CE2 HE2  sing N N 383 
TYR CZ  OH   sing N N 384 
TYR OH  HH   sing N N 385 
TYR OXT HXT  sing N N 386 
VAL N   CA   sing N N 387 
VAL N   H    sing N N 388 
VAL N   H2   sing N N 389 
VAL CA  C    sing N N 390 
VAL CA  CB   sing N N 391 
VAL CA  HA   sing N N 392 
VAL C   O    doub N N 393 
VAL C   OXT  sing N N 394 
VAL CB  CG1  sing N N 395 
VAL CB  CG2  sing N N 396 
VAL CB  HB   sing N N 397 
VAL CG1 HG11 sing N N 398 
VAL CG1 HG12 sing N N 399 
VAL CG1 HG13 sing N N 400 
VAL CG2 HG21 sing N N 401 
VAL CG2 HG22 sing N N 402 
VAL CG2 HG23 sing N N 403 
VAL OXT HXT  sing N N 404 
# 
_atom_sites.entry_id                    4JV7 
_atom_sites.fract_transf_matrix[1][1]   0.00464596 
_atom_sites.fract_transf_matrix[1][2]   0.00498885 
_atom_sites.fract_transf_matrix[1][3]   0.01525616 
_atom_sites.fract_transf_matrix[2][1]   0.01599433 
_atom_sites.fract_transf_matrix[2][2]   -0.00010379 
_atom_sites.fract_transf_matrix[2][3]   -0.00483682 
_atom_sites.fract_transf_matrix[3][1]   -0.00107273 
_atom_sites.fract_transf_matrix[3][2]   0.01267884 
_atom_sites.fract_transf_matrix[3][3]   -0.00381937 
_atom_sites.fract_transf_vector[1]      0.200505 
_atom_sites.fract_transf_vector[2]      -0.505665 
_atom_sites.fract_transf_vector[3]      0.032885 
# 
loop_
_atom_type.symbol 
BR 
C  
N  
O  
S  
# 
loop_
_atom_site.group_PDB 
_atom_site.id 
_atom_site.type_symbol 
_atom_site.label_atom_id 
_atom_site.label_alt_id 
_atom_site.label_comp_id 
_atom_site.label_asym_id 
_atom_site.label_entity_id 
_atom_site.label_seq_id 
_atom_site.pdbx_PDB_ins_code 
_atom_site.Cartn_x 
_atom_site.Cartn_y 
_atom_site.Cartn_z 
_atom_site.occupancy 
_atom_site.B_iso_or_equiv 
_atom_site.pdbx_formal_charge 
_atom_site.auth_seq_id 
_atom_site.auth_comp_id 
_atom_site.auth_asym_id 
_atom_site.auth_atom_id 
_atom_site.pdbx_PDB_model_num 
ATOM   1   N  N   . THR A 1 9  ? 11.522  -3.843  -12.502 1.00 25.76 ? 26  THR A N   1 
ATOM   2   C  CA  . THR A 1 9  ? 12.057  -2.651  -11.770 1.00 24.96 ? 26  THR A CA  1 
ATOM   3   C  C   . THR A 1 9  ? 12.134  -3.010  -10.296 1.00 23.34 ? 26  THR A C   1 
ATOM   4   O  O   . THR A 1 9  ? 11.141  -3.427  -9.720  1.00 23.67 ? 26  THR A O   1 
ATOM   5   C  CB  . THR A 1 9  ? 11.102  -1.437  -11.880 1.00 26.12 ? 26  THR A CB  1 
ATOM   6   O  OG1 . THR A 1 9  ? 10.801  -1.168  -13.261 1.00 28.18 ? 26  THR A OG1 1 
ATOM   7   C  CG2 . THR A 1 9  ? 11.740  -0.204  -11.244 1.00 26.97 ? 26  THR A CG2 1 
ATOM   8   N  N   . LEU A 1 10 ? 13.294  -2.857  -9.674  1.00 21.92 ? 27  LEU A N   1 
ATOM   9   C  CA  . LEU A 1 10 ? 13.381  -3.170  -8.254  1.00 20.09 ? 27  LEU A CA  1 
ATOM   10  C  C   . LEU A 1 10 ? 13.293  -1.877  -7.469  1.00 18.55 ? 27  LEU A C   1 
ATOM   11  O  O   . LEU A 1 10 ? 13.848  -0.862  -7.880  1.00 18.14 ? 27  LEU A O   1 
ATOM   12  C  CB  . LEU A 1 10 ? 14.689  -3.874  -7.914  1.00 20.50 ? 27  LEU A CB  1 
ATOM   13  C  CG  . LEU A 1 10 ? 14.970  -5.288  -8.427  1.00 21.17 ? 27  LEU A CG  1 
ATOM   14  C  CD1 . LEU A 1 10 ? 16.041  -5.892  -7.538  1.00 21.92 ? 27  LEU A CD1 1 
ATOM   15  C  CD2 . LEU A 1 10 ? 13.728  -6.157  -8.362  1.00 20.85 ? 27  LEU A CD2 1 
ATOM   16  N  N   . VAL A 1 11 ? 12.616  -1.931  -6.327  1.00 16.83 ? 28  VAL A N   1 
ATOM   17  C  CA  . VAL A 1 11 ? 12.421  -0.756  -5.495  1.00 15.71 ? 28  VAL A CA  1 
ATOM   18  C  C   . VAL A 1 11 ? 12.738  -0.965  -4.017  1.00 15.49 ? 28  VAL A C   1 
ATOM   19  O  O   . VAL A 1 11 ? 12.711  -2.085  -3.505  1.00 14.50 ? 28  VAL A O   1 
ATOM   20  C  CB  . VAL A 1 11 ? 10.953  -0.248  -5.628  1.00 15.34 ? 28  VAL A CB  1 
ATOM   21  C  CG1 . VAL A 1 11 ? 10.618  0.002   -7.086  1.00 13.77 ? 28  VAL A CG1 1 
ATOM   22  C  CG2 . VAL A 1 11 ? 9.967   -1.287  -5.057  1.00 14.96 ? 28  VAL A CG2 1 
ATOM   23  N  N   . ARG A 1 12 ? 13.045  0.131   -3.339  1.00 15.73 ? 29  ARG A N   1 
ATOM   24  C  CA  . ARG A 1 12 ? 13.340  0.071   -1.925  1.00 16.72 ? 29  ARG A CA  1 
ATOM   25  C  C   . ARG A 1 12 ? 12.348  0.949   -1.162  1.00 15.82 ? 29  ARG A C   1 
ATOM   26  O  O   . ARG A 1 12 ? 12.407  2.178   -1.206  1.00 15.66 ? 29  ARG A O   1 
ATOM   27  C  CB  . ARG A 1 12 ? 14.786  0.509   -1.640  1.00 18.06 ? 29  ARG A CB  1 
ATOM   28  C  CG  . ARG A 1 12 ? 15.871  -0.436  -2.168  1.00 21.44 ? 29  ARG A CG  1 
ATOM   29  C  CD  . ARG A 1 12 ? 17.244  -0.148  -1.545  1.00 23.54 ? 29  ARG A CD  1 
ATOM   30  N  NE  . ARG A 1 12 ? 18.120  -1.310  -1.627  1.00 26.11 ? 29  ARG A NE  1 
ATOM   31  C  CZ  . ARG A 1 12 ? 19.121  -1.421  -2.493  1.00 27.21 ? 29  ARG A CZ  1 
ATOM   32  N  NH1 . ARG A 1 12 ? 19.382  -0.437  -3.352  1.00 26.85 ? 29  ARG A NH1 1 
ATOM   33  N  NH2 . ARG A 1 12 ? 19.858  -2.523  -2.502  1.00 27.79 ? 29  ARG A NH2 1 
ATOM   34  N  N   . PRO A 1 13 ? 11.395  0.310   -0.470  1.00 15.55 ? 30  PRO A N   1 
ATOM   35  C  CA  . PRO A 1 13 ? 10.371  0.997   0.317   1.00 15.19 ? 30  PRO A CA  1 
ATOM   36  C  C   . PRO A 1 13 ? 10.972  1.848   1.420   1.00 15.30 ? 30  PRO A C   1 
ATOM   37  O  O   . PRO A 1 13 ? 11.942  1.467   2.056   1.00 15.33 ? 30  PRO A O   1 
ATOM   38  C  CB  . PRO A 1 13 ? 9.539   -0.154  0.863   1.00 15.44 ? 30  PRO A CB  1 
ATOM   39  C  CG  . PRO A 1 13 ? 9.635   -1.161  -0.217  1.00 15.39 ? 30  PRO A CG  1 
ATOM   40  C  CD  . PRO A 1 13 ? 11.096  -1.129  -0.558  1.00 15.27 ? 30  PRO A CD  1 
ATOM   41  N  N   . LYS A 1 14 ? 10.392  3.015   1.635   1.00 15.42 ? 31  LYS A N   1 
ATOM   42  C  CA  . LYS A 1 14 ? 10.884  3.885   2.671   1.00 15.64 ? 31  LYS A CA  1 
ATOM   43  C  C   . LYS A 1 14 ? 10.419  3.262   3.972   1.00 15.85 ? 31  LYS A C   1 
ATOM   44  O  O   . LYS A 1 14 ? 9.553   2.398   3.966   1.00 15.63 ? 31  LYS A O   1 
ATOM   45  C  CB  . LYS A 1 14 ? 10.306  5.272   2.466   1.00 16.44 ? 31  LYS A CB  1 
ATOM   46  C  CG  . LYS A 1 14 ? 10.673  5.814   1.117   1.00 17.61 ? 31  LYS A CG  1 
ATOM   47  C  CD  . LYS A 1 14 ? 11.991  6.534   1.184   1.00 19.92 ? 31  LYS A CD  1 
ATOM   48  C  CE  . LYS A 1 14 ? 11.736  8.022   1.259   1.00 20.47 ? 31  LYS A CE  1 
ATOM   49  N  NZ  . LYS A 1 14 ? 12.972  8.766   1.574   1.00 22.43 ? 31  LYS A NZ  1 
ATOM   50  N  N   . PRO A 1 15 ? 10.985  3.694   5.107   1.00 15.89 ? 32  PRO A N   1 
ATOM   51  C  CA  . PRO A 1 15 ? 10.626  3.161   6.427   1.00 15.54 ? 32  PRO A CA  1 
ATOM   52  C  C   . PRO A 1 15 ? 9.146   2.890   6.726   1.00 14.60 ? 32  PRO A C   1 
ATOM   53  O  O   . PRO A 1 15 ? 8.801   1.815   7.196   1.00 15.03 ? 32  PRO A O   1 
ATOM   54  C  CB  . PRO A 1 15 ? 11.240  4.182   7.390   1.00 15.76 ? 32  PRO A CB  1 
ATOM   55  C  CG  . PRO A 1 15 ? 12.464  4.615   6.649   1.00 15.94 ? 32  PRO A CG  1 
ATOM   56  C  CD  . PRO A 1 15 ? 11.925  4.819   5.245   1.00 15.57 ? 32  PRO A CD  1 
ATOM   57  N  N   . LEU A 1 16 ? 8.268   3.844   6.456   1.00 13.95 ? 33  LEU A N   1 
ATOM   58  C  CA  . LEU A 1 16 ? 6.858   3.626   6.753   1.00 13.12 ? 33  LEU A CA  1 
ATOM   59  C  C   . LEU A 1 16 ? 6.202   2.538   5.902   1.00 12.49 ? 33  LEU A C   1 
ATOM   60  O  O   . LEU A 1 16 ? 5.431   1.729   6.414   1.00 12.10 ? 33  LEU A O   1 
ATOM   61  C  CB  . LEU A 1 16 ? 6.088   4.940   6.630   1.00 14.05 ? 33  LEU A CB  1 
ATOM   62  C  CG  . LEU A 1 16 ? 5.277   5.328   7.876   1.00 15.81 ? 33  LEU A CG  1 
ATOM   63  C  CD1 . LEU A 1 16 ? 6.058   5.019   9.156   1.00 14.77 ? 33  LEU A CD1 1 
ATOM   64  C  CD2 . LEU A 1 16 ? 4.936   6.808   7.803   1.00 15.90 ? 33  LEU A CD2 1 
ATOM   65  N  N   . LEU A 1 17 ? 6.496   2.506   4.610   1.00 11.58 ? 34  LEU A N   1 
ATOM   66  C  CA  . LEU A 1 17 ? 5.914   1.478   3.759   1.00 10.92 ? 34  LEU A CA  1 
ATOM   67  C  C   . LEU A 1 17 ? 6.497   0.115   4.109   1.00 11.22 ? 34  LEU A C   1 
ATOM   68  O  O   . LEU A 1 17 ? 5.791   -0.886  4.065   1.00 10.74 ? 34  LEU A O   1 
ATOM   69  C  CB  . LEU A 1 17 ? 6.175   1.780   2.287   1.00 10.62 ? 34  LEU A CB  1 
ATOM   70  C  CG  . LEU A 1 17 ? 5.708   0.725   1.282   1.00 10.52 ? 34  LEU A CG  1 
ATOM   71  C  CD1 . LEU A 1 17 ? 4.204   0.595   1.337   1.00 10.11 ? 34  LEU A CD1 1 
ATOM   72  C  CD2 . LEU A 1 17 ? 6.155   1.121   -0.121  1.00 10.26 ? 34  LEU A CD2 1 
ATOM   73  N  N   . LEU A 1 18 ? 7.777   0.070   4.464   1.00 11.74 ? 35  LEU A N   1 
ATOM   74  C  CA  . LEU A 1 18 ? 8.401   -1.200  4.804   1.00 12.90 ? 35  LEU A CA  1 
ATOM   75  C  C   . LEU A 1 18 ? 7.752   -1.781  6.056   1.00 13.15 ? 35  LEU A C   1 
ATOM   76  O  O   . LEU A 1 18 ? 7.496   -2.981  6.131   1.00 13.28 ? 35  LEU A O   1 
ATOM   77  C  CB  . LEU A 1 18 ? 9.903   -1.017  5.021   1.00 12.31 ? 35  LEU A CB  1 
ATOM   78  C  CG  . LEU A 1 18 ? 10.773  -2.285  5.036   1.00 13.59 ? 35  LEU A CG  1 
ATOM   79  C  CD1 . LEU A 1 18 ? 10.786  -2.961  3.668   1.00 12.43 ? 35  LEU A CD1 1 
ATOM   80  C  CD2 . LEU A 1 18 ? 12.189  -1.903  5.441   1.00 13.00 ? 35  LEU A CD2 1 
ATOM   81  N  N   . LYS A 1 19 ? 7.486   -0.929  7.040   1.00 13.71 ? 36  LYS A N   1 
ATOM   82  C  CA  . LYS A 1 19 ? 6.836   -1.391  8.258   1.00 15.09 ? 36  LYS A CA  1 
ATOM   83  C  C   . LYS A 1 19 ? 5.511   -2.043  7.868   1.00 14.58 ? 36  LYS A C   1 
ATOM   84  O  O   . LYS A 1 19 ? 5.174   -3.128  8.343   1.00 15.02 ? 36  LYS A O   1 
ATOM   85  C  CB  . LYS A 1 19 ? 6.538   -0.227  9.209   1.00 16.91 ? 36  LYS A CB  1 
ATOM   86  C  CG  . LYS A 1 19 ? 5.768   -0.691  10.432  1.00 19.49 ? 36  LYS A CG  1 
ATOM   87  C  CD  . LYS A 1 19 ? 5.098   0.441   11.208  1.00 22.31 ? 36  LYS A CD  1 
ATOM   88  C  CE  . LYS A 1 19 ? 6.084   1.304   11.968  1.00 24.32 ? 36  LYS A CE  1 
ATOM   89  N  NZ  . LYS A 1 19 ? 5.358   2.130   12.996  1.00 26.57 ? 36  LYS A NZ  1 
ATOM   90  N  N   . LEU A 1 20 ? 4.763   -1.366  7.002   1.00 13.36 ? 37  LEU A N   1 
ATOM   91  C  CA  . LEU A 1 20 ? 3.481   -1.874  6.566   1.00 13.02 ? 37  LEU A CA  1 
ATOM   92  C  C   . LEU A 1 20 ? 3.624   -3.249  5.918   1.00 12.75 ? 37  LEU A C   1 
ATOM   93  O  O   . LEU A 1 20 ? 2.908   -4.176  6.277   1.00 12.54 ? 37  LEU A O   1 
ATOM   94  C  CB  . LEU A 1 20 ? 2.821   -0.880  5.601   1.00 12.62 ? 37  LEU A CB  1 
ATOM   95  C  CG  . LEU A 1 20 ? 1.391   -1.227  5.158   1.00 12.09 ? 37  LEU A CG  1 
ATOM   96  C  CD1 . LEU A 1 20 ? 0.660   0.009   4.699   1.00 11.91 ? 37  LEU A CD1 1 
ATOM   97  C  CD2 . LEU A 1 20 ? 1.425   -2.261  4.048   1.00 12.13 ? 37  LEU A CD2 1 
ATOM   98  N  N   . LEU A 1 21 ? 4.559   -3.377  4.980   1.00 12.69 ? 38  LEU A N   1 
ATOM   99  C  CA  . LEU A 1 21 ? 4.789   -4.638  4.289   1.00 12.95 ? 38  LEU A CA  1 
ATOM   100 C  C   . LEU A 1 21 ? 5.168   -5.771  5.231   1.00 13.74 ? 38  LEU A C   1 
ATOM   101 O  O   . LEU A 1 21 ? 4.586   -6.852  5.182   1.00 14.14 ? 38  LEU A O   1 
ATOM   102 C  CB  . LEU A 1 21 ? 5.895   -4.482  3.242   1.00 12.61 ? 38  LEU A CB  1 
ATOM   103 C  CG  . LEU A 1 21 ? 5.695   -3.463  2.120   1.00 12.77 ? 38  LEU A CG  1 
ATOM   104 C  CD1 . LEU A 1 21 ? 6.899   -3.515  1.194   1.00 13.34 ? 38  LEU A CD1 1 
ATOM   105 C  CD2 . LEU A 1 21 ? 4.425   -3.757  1.350   1.00 12.69 ? 38  LEU A CD2 1 
ATOM   106 N  N   . LYS A 1 22 ? 6.154   -5.526  6.079   1.00 13.99 ? 39  LYS A N   1 
ATOM   107 C  CA  . LYS A 1 22 ? 6.610   -6.543  7.009   1.00 15.14 ? 39  LYS A CA  1 
ATOM   108 C  C   . LYS A 1 22 ? 5.550   -6.967  8.027   1.00 15.43 ? 39  LYS A C   1 
ATOM   109 O  O   . LYS A 1 22 ? 5.596   -8.084  8.549   1.00 15.10 ? 39  LYS A O   1 
ATOM   110 C  CB  . LYS A 1 22 ? 7.874   -6.057  7.725   1.00 15.36 ? 39  LYS A CB  1 
ATOM   111 C  CG  . LYS A 1 22 ? 9.082   -5.947  6.794   1.00 16.07 ? 39  LYS A CG  1 
ATOM   112 C  CD  . LYS A 1 22 ? 10.368  -5.667  7.541   1.00 17.15 ? 39  LYS A CD  1 
ATOM   113 C  CE  . LYS A 1 22 ? 11.572  -5.858  6.630   1.00 18.26 ? 39  LYS A CE  1 
ATOM   114 N  NZ  . LYS A 1 22 ? 12.869  -5.624  7.333   1.00 20.32 ? 39  LYS A NZ  1 
ATOM   115 N  N   . SER A 1 23 ? 4.581   -6.096  8.290   1.00 15.45 ? 40  SER A N   1 
ATOM   116 C  CA  . SER A 1 23 ? 3.551   -6.430  9.262   1.00 16.13 ? 40  SER A CA  1 
ATOM   117 C  C   . SER A 1 23 ? 2.591   -7.504  8.728   1.00 16.51 ? 40  SER A C   1 
ATOM   118 O  O   . SER A 1 23 ? 1.809   -8.068  9.484   1.00 16.80 ? 40  SER A O   1 
ATOM   119 C  CB  . SER A 1 23 ? 2.786   -5.174  9.702   1.00 15.63 ? 40  SER A CB  1 
ATOM   120 O  OG  . SER A 1 23 ? 1.753   -4.829  8.797   1.00 14.71 ? 40  SER A OG  1 
ATOM   121 N  N   . VAL A 1 24 ? 2.651   -7.782  7.430   1.00 16.52 ? 41  VAL A N   1 
ATOM   122 C  CA  . VAL A 1 24 ? 1.834   -8.845  6.841   1.00 17.26 ? 41  VAL A CA  1 
ATOM   123 C  C   . VAL A 1 24 ? 2.738   -9.915  6.215   1.00 17.83 ? 41  VAL A C   1 
ATOM   124 O  O   . VAL A 1 24 ? 2.387   -10.522 5.203   1.00 17.72 ? 41  VAL A O   1 
ATOM   125 C  CB  . VAL A 1 24 ? 0.869   -8.337  5.740   1.00 17.21 ? 41  VAL A CB  1 
ATOM   126 C  CG1 . VAL A 1 24 ? -0.293  -7.568  6.361   1.00 16.22 ? 41  VAL A CG1 1 
ATOM   127 C  CG2 . VAL A 1 24 ? 1.631   -7.473  4.747   1.00 16.49 ? 41  VAL A CG2 1 
ATOM   128 N  N   . GLY A 1 25 ? 3.926   -10.101 6.784   1.00 18.89 ? 42  GLY A N   1 
ATOM   129 C  CA  . GLY A 1 25 ? 4.831   -11.125 6.283   1.00 20.49 ? 42  GLY A CA  1 
ATOM   130 C  C   . GLY A 1 25 ? 6.012   -10.791 5.389   1.00 21.43 ? 42  GLY A C   1 
ATOM   131 O  O   . GLY A 1 25 ? 6.846   -11.667 5.171   1.00 22.13 ? 42  GLY A O   1 
ATOM   132 N  N   . ALA A 1 26 ? 6.102   -9.568  4.870   1.00 21.99 ? 43  ALA A N   1 
ATOM   133 C  CA  . ALA A 1 26 ? 7.217   -9.219  3.998   1.00 23.40 ? 43  ALA A CA  1 
ATOM   134 C  C   . ALA A 1 26 ? 8.524   -9.409  4.758   1.00 24.59 ? 43  ALA A C   1 
ATOM   135 O  O   . ALA A 1 26 ? 8.581   -9.197  5.970   1.00 24.89 ? 43  ALA A O   1 
ATOM   136 C  CB  . ALA A 1 26 ? 7.081   -7.788  3.523   1.00 23.07 ? 43  ALA A CB  1 
ATOM   137 N  N   . GLN A 1 27 ? 9.583   -9.804  4.061   1.00 26.19 ? 44  GLN A N   1 
ATOM   138 C  CA  . GLN A 1 27 ? 10.848  -10.032 4.753   1.00 27.64 ? 44  GLN A CA  1 
ATOM   139 C  C   . GLN A 1 27 ? 12.090  -9.336  4.191   1.00 27.43 ? 44  GLN A C   1 
ATOM   140 O  O   . GLN A 1 27 ? 13.097  -9.195  4.893   1.00 27.61 ? 44  GLN A O   1 
ATOM   141 C  CB  . GLN A 1 27 ? 11.112  -11.534 4.832   1.00 28.93 ? 44  GLN A CB  1 
ATOM   142 C  CG  . GLN A 1 27 ? 10.042  -12.279 5.598   1.00 30.81 ? 44  GLN A CG  1 
ATOM   143 C  CD  . GLN A 1 27 ? 10.635  -13.159 6.661   1.00 32.16 ? 44  GLN A CD  1 
ATOM   144 O  OE1 . GLN A 1 27 ? 11.272  -14.172 6.364   1.00 32.69 ? 44  GLN A OE1 1 
ATOM   145 N  NE2 . GLN A 1 27 ? 10.449  -12.767 7.920   1.00 33.30 ? 44  GLN A NE2 1 
ATOM   146 N  N   . LYS A 1 28 ? 12.025  -8.896  2.939   1.00 27.55 ? 45  LYS A N   1 
ATOM   147 C  CA  . LYS A 1 28 ? 13.175  -8.247  2.324   1.00 27.15 ? 45  LYS A CA  1 
ATOM   148 C  C   . LYS A 1 28 ? 13.143  -6.739  2.522   1.00 26.97 ? 45  LYS A C   1 
ATOM   149 O  O   . LYS A 1 28 ? 12.272  -6.190  3.198   1.00 26.65 ? 45  LYS A O   1 
ATOM   150 C  CB  . LYS A 1 28 ? 13.213  -8.526  0.821   1.00 27.74 ? 45  LYS A CB  1 
ATOM   151 C  CG  . LYS A 1 28 ? 12.288  -9.641  0.337   1.00 28.69 ? 45  LYS A CG  1 
ATOM   152 C  CD  . LYS A 1 28 ? 12.181  -9.628  -1.188  1.00 30.02 ? 45  LYS A CD  1 
ATOM   153 C  CE  . LYS A 1 28 ? 11.136  -10.608 -1.701  1.00 30.58 ? 45  LYS A CE  1 
ATOM   154 N  NZ  . LYS A 1 28 ? 11.328  -10.880 -3.160  1.00 31.16 ? 45  LYS A NZ  1 
ATOM   155 N  N   . ASP A 1 29 ? 14.135  -6.084  1.931   1.00 26.96 ? 46  ASP A N   1 
ATOM   156 C  CA  . ASP A 1 29 ? 14.248  -4.640  1.957   1.00 26.55 ? 46  ASP A CA  1 
ATOM   157 C  C   . ASP A 1 29 ? 14.056  -4.185  0.508   1.00 25.02 ? 46  ASP A C   1 
ATOM   158 O  O   . ASP A 1 29 ? 13.708  -3.036  0.263   1.00 24.41 ? 46  ASP A O   1 
ATOM   159 C  CB  . ASP A 1 29 ? 15.627  -4.200  2.472   1.00 28.30 ? 46  ASP A CB  1 
ATOM   160 C  CG  . ASP A 1 29 ? 15.932  -4.725  3.879   1.00 30.21 ? 46  ASP A CG  1 
ATOM   161 O  OD1 . ASP A 1 29 ? 14.986  -4.951  4.672   1.00 31.40 ? 46  ASP A OD1 1 
ATOM   162 O  OD2 . ASP A 1 29 ? 17.133  -4.894  4.201   1.00 30.88 ? 46  ASP A OD2 1 
ATOM   163 N  N   . THR A 1 30 ? 14.273  -5.097  -0.444  1.00 23.82 ? 47  THR A N   1 
ATOM   164 C  CA  . THR A 1 30 ? 14.109  -4.789  -1.864  1.00 22.87 ? 47  THR A CA  1 
ATOM   165 C  C   . THR A 1 30 ? 13.004  -5.652  -2.487  1.00 21.93 ? 47  THR A C   1 
ATOM   166 O  O   . THR A 1 30 ? 12.904  -6.849  -2.202  1.00 21.72 ? 47  THR A O   1 
ATOM   167 C  CB  . THR A 1 30 ? 15.422  -4.994  -2.637  1.00 23.29 ? 47  THR A CB  1 
ATOM   168 O  OG1 . THR A 1 30 ? 16.456  -4.217  -2.022  1.00 24.59 ? 47  THR A OG1 1 
ATOM   169 C  CG2 . THR A 1 30 ? 15.271  -4.527  -4.070  1.00 23.66 ? 47  THR A CG2 1 
ATOM   170 N  N   . TYR A 1 31 ? 12.170  -5.033  -3.324  1.00 20.83 ? 48  TYR A N   1 
ATOM   171 C  CA  . TYR A 1 31 ? 11.044  -5.717  -3.964  1.00 19.71 ? 48  TYR A CA  1 
ATOM   172 C  C   . TYR A 1 31 ? 10.773  -5.291  -5.403  1.00 19.03 ? 48  TYR A C   1 
ATOM   173 O  O   . TYR A 1 31 ? 11.273  -4.276  -5.878  1.00 19.60 ? 48  TYR A O   1 
ATOM   174 C  CB  . TYR A 1 31 ? 9.751   -5.445  -3.192  1.00 19.72 ? 48  TYR A CB  1 
ATOM   175 C  CG  . TYR A 1 31 ? 9.788   -5.735  -1.721  1.00 19.56 ? 48  TYR A CG  1 
ATOM   176 C  CD1 . TYR A 1 31 ? 10.425  -4.877  -0.833  1.00 19.52 ? 48  TYR A CD1 1 
ATOM   177 C  CD2 . TYR A 1 31 ? 9.170   -6.866  -1.209  1.00 20.43 ? 48  TYR A CD2 1 
ATOM   178 C  CE1 . TYR A 1 31 ? 10.442  -5.139  0.537   1.00 19.88 ? 48  TYR A CE1 1 
ATOM   179 C  CE2 . TYR A 1 31 ? 9.183   -7.144  0.151   1.00 20.42 ? 48  TYR A CE2 1 
ATOM   180 C  CZ  . TYR A 1 31 ? 9.817   -6.281  1.018   1.00 20.55 ? 48  TYR A CZ  1 
ATOM   181 O  OH  . TYR A 1 31 ? 9.828   -6.578  2.363   1.00 20.89 ? 48  TYR A OH  1 
ATOM   182 N  N   . THR A 1 32 ? 9.958   -6.080  -6.088  1.00 18.54 ? 49  THR A N   1 
ATOM   183 C  CA  . THR A 1 32 ? 9.536   -5.752  -7.440  1.00 17.86 ? 49  THR A CA  1 
ATOM   184 C  C   . THR A 1 32 ? 8.222   -5.032  -7.141  1.00 16.87 ? 49  THR A C   1 
ATOM   185 O  O   . THR A 1 32 ? 7.730   -5.126  -6.016  1.00 16.48 ? 49  THR A O   1 
ATOM   186 C  CB  . THR A 1 32 ? 9.274   -7.019  -8.278  1.00 17.85 ? 49  THR A CB  1 
ATOM   187 O  OG1 . THR A 1 32 ? 8.182   -7.760  -7.716  1.00 18.31 ? 49  THR A OG1 1 
ATOM   188 C  CG2 . THR A 1 32 ? 10.526  -7.893  -8.312  1.00 18.05 ? 49  THR A CG2 1 
ATOM   189 N  N   . MET A 1 33 ? 7.662   -4.305  -8.101  1.00 16.38 ? 50  MET A N   1 
ATOM   190 C  CA  . MET A 1 33 ? 6.408   -3.609  -7.832  1.00 17.17 ? 50  MET A CA  1 
ATOM   191 C  C   . MET A 1 33 ? 5.273   -4.597  -7.548  1.00 16.74 ? 50  MET A C   1 
ATOM   192 O  O   . MET A 1 33 ? 4.417   -4.340  -6.698  1.00 16.55 ? 50  MET A O   1 
ATOM   193 C  CB  . MET A 1 33 ? 6.011   -2.690  -8.999  1.00 17.10 ? 50  MET A CB  1 
ATOM   194 C  CG  . MET A 1 33 ? 6.660   -1.300  -8.998  1.00 18.80 ? 50  MET A CG  1 
ATOM   195 S  SD  . MET A 1 33 ? 6.284   -0.262  -7.521  1.00 20.47 ? 50  MET A SD  1 
ATOM   196 C  CE  . MET A 1 33 ? 4.531   -0.201  -7.504  1.00 17.81 ? 50  MET A CE  1 
ATOM   197 N  N   . LYS A 1 34 ? 5.275   -5.724  -8.255  1.00 16.76 ? 51  LYS A N   1 
ATOM   198 C  CA  . LYS A 1 34 ? 4.238   -6.741  -8.106  1.00 16.85 ? 51  LYS A CA  1 
ATOM   199 C  C   . LYS A 1 34 ? 4.169   -7.275  -6.678  1.00 15.46 ? 51  LYS A C   1 
ATOM   200 O  O   . LYS A 1 34 ? 3.089   -7.620  -6.183  1.00 15.34 ? 51  LYS A O   1 
ATOM   201 C  CB  . LYS A 1 34 ? 4.502   -7.894  -9.086  1.00 18.14 ? 51  LYS A CB  1 
ATOM   202 C  CG  . LYS A 1 34 ? 3.391   -8.940  -9.125  1.00 20.22 ? 51  LYS A CG  1 
ATOM   203 C  CD  . LYS A 1 34 ? 3.787   -10.196 -9.903  1.00 22.34 ? 51  LYS A CD  1 
ATOM   204 C  CE  . LYS A 1 34 ? 2.665   -11.235 -9.809  1.00 23.16 ? 51  LYS A CE  1 
ATOM   205 N  NZ  . LYS A 1 34 ? 3.117   -12.634 -10.143 1.00 24.62 ? 51  LYS A NZ  1 
ATOM   206 N  N   . GLU A 1 35 ? 5.325   -7.321  -6.021  1.00 14.69 ? 52  GLU A N   1 
ATOM   207 C  CA  . GLU A 1 35 ? 5.426   -7.818  -4.657  1.00 13.74 ? 52  GLU A CA  1 
ATOM   208 C  C   . GLU A 1 35 ? 4.949   -6.764  -3.668  1.00 12.53 ? 52  GLU A C   1 
ATOM   209 O  O   . GLU A 1 35 ? 4.333   -7.092  -2.661  1.00 11.95 ? 52  GLU A O   1 
ATOM   210 C  CB  . GLU A 1 35 ? 6.875   -8.210  -4.341  1.00 15.03 ? 52  GLU A CB  1 
ATOM   211 C  CG  . GLU A 1 35 ? 7.425   -9.388  -5.186  1.00 16.23 ? 52  GLU A CG  1 
ATOM   212 C  CD  . GLU A 1 35 ? 8.839   -9.835  -4.789  1.00 17.48 ? 52  GLU A CD  1 
ATOM   213 O  OE1 . GLU A 1 35 ? 9.690   -8.971  -4.490  1.00 17.88 ? 52  GLU A OE1 1 
ATOM   214 O  OE2 . GLU A 1 35 ? 9.118   -11.056 -4.791  1.00 18.95 ? 52  GLU A OE2 1 
ATOM   215 N  N   . VAL A 1 36 ? 5.244   -5.499  -3.953  1.00 12.02 ? 53  VAL A N   1 
ATOM   216 C  CA  . VAL A 1 36 ? 4.821   -4.411  -3.088  1.00 11.07 ? 53  VAL A CA  1 
ATOM   217 C  C   . VAL A 1 36 ? 3.299   -4.430  -3.079  1.00 10.68 ? 53  VAL A C   1 
ATOM   218 O  O   . VAL A 1 36 ? 2.673   -4.421  -2.016  1.00 10.60 ? 53  VAL A O   1 
ATOM   219 C  CB  . VAL A 1 36 ? 5.328   -3.047  -3.615  1.00 11.11 ? 53  VAL A CB  1 
ATOM   220 C  CG1 . VAL A 1 36 ? 4.637   -1.913  -2.891  1.00 10.25 ? 53  VAL A CG1 1 
ATOM   221 C  CG2 . VAL A 1 36 ? 6.828   -2.949  -3.424  1.00 11.55 ? 53  VAL A CG2 1 
ATOM   222 N  N   . LEU A 1 37 ? 2.712   -4.462  -4.270  1.00 9.81  ? 54  LEU A N   1 
ATOM   223 C  CA  . LEU A 1 37 ? 1.265   -4.477  -4.400  1.00 9.94  ? 54  LEU A CA  1 
ATOM   224 C  C   . LEU A 1 37 ? 0.659   -5.698  -3.729  1.00 9.83  ? 54  LEU A C   1 
ATOM   225 O  O   . LEU A 1 37 ? -0.367  -5.606  -3.055  1.00 10.13 ? 54  LEU A O   1 
ATOM   226 C  CB  . LEU A 1 37 ? 0.872   -4.431  -5.877  1.00 9.79  ? 54  LEU A CB  1 
ATOM   227 C  CG  . LEU A 1 37 ? 1.019   -3.062  -6.546  1.00 11.48 ? 54  LEU A CG  1 
ATOM   228 C  CD1 . LEU A 1 37 ? 0.864   -3.223  -8.045  1.00 12.03 ? 54  LEU A CD1 1 
ATOM   229 C  CD2 . LEU A 1 37 ? -0.023  -2.093  -5.994  1.00 11.47 ? 54  LEU A CD2 1 
ATOM   230 N  N   . PHE A 1 38 ? 1.295   -6.846  -3.916  1.00 10.31 ? 55  PHE A N   1 
ATOM   231 C  CA  . PHE A 1 38 ? 0.796   -8.073  -3.317  1.00 10.60 ? 55  PHE A CA  1 
ATOM   232 C  C   . PHE A 1 38 ? 0.611   -7.914  -1.813  1.00 10.55 ? 55  PHE A C   1 
ATOM   233 O  O   . PHE A 1 38 ? -0.474  -8.140  -1.286  1.00 10.58 ? 55  PHE A O   1 
ATOM   234 C  CB  . PHE A 1 38 ? 1.745   -9.240  -3.577  1.00 11.15 ? 55  PHE A CB  1 
ATOM   235 C  CG  . PHE A 1 38 ? 1.226   -10.558 -3.082  1.00 12.74 ? 55  PHE A CG  1 
ATOM   236 C  CD1 . PHE A 1 38 ? 0.338   -11.298 -3.847  1.00 12.70 ? 55  PHE A CD1 1 
ATOM   237 C  CD2 . PHE A 1 38 ? 1.561   -11.017 -1.813  1.00 13.15 ? 55  PHE A CD2 1 
ATOM   238 C  CE1 . PHE A 1 38 ? -0.198  -12.484 -3.371  1.00 13.36 ? 55  PHE A CE1 1 
ATOM   239 C  CE2 . PHE A 1 38 ? 1.031   -12.206 -1.322  1.00 13.79 ? 55  PHE A CE2 1 
ATOM   240 C  CZ  . PHE A 1 38 ? 0.139   -12.937 -2.100  1.00 13.46 ? 55  PHE A CZ  1 
ATOM   241 N  N   . TYR A 1 39 ? 1.678   -7.512  -1.131  1.00 11.07 ? 56  TYR A N   1 
ATOM   242 C  CA  . TYR A 1 39 ? 1.640   -7.327  0.314   1.00 11.07 ? 56  TYR A CA  1 
ATOM   243 C  C   . TYR A 1 39 ? 0.730   -6.176  0.725   1.00 10.90 ? 56  TYR A C   1 
ATOM   244 O  O   . TYR A 1 39 ? -0.003  -6.280  1.711   1.00 10.15 ? 56  TYR A O   1 
ATOM   245 C  CB  . TYR A 1 39 ? 3.050   -7.094  0.858   1.00 12.68 ? 56  TYR A CB  1 
ATOM   246 C  CG  . TYR A 1 39 ? 3.933   -8.317  0.799   1.00 14.66 ? 56  TYR A CG  1 
ATOM   247 C  CD1 . TYR A 1 39 ? 3.638   -9.449  1.558   1.00 15.61 ? 56  TYR A CD1 1 
ATOM   248 C  CD2 . TYR A 1 39 ? 5.090   -8.329  0.011   1.00 15.58 ? 56  TYR A CD2 1 
ATOM   249 C  CE1 . TYR A 1 39 ? 4.484   -10.567 1.541   1.00 17.06 ? 56  TYR A CE1 1 
ATOM   250 C  CE2 . TYR A 1 39 ? 5.936   -9.435  -0.015  1.00 16.11 ? 56  TYR A CE2 1 
ATOM   251 C  CZ  . TYR A 1 39 ? 5.632   -10.544 0.753   1.00 16.74 ? 56  TYR A CZ  1 
ATOM   252 O  OH  . TYR A 1 39 ? 6.494   -11.613 0.768   1.00 18.74 ? 56  TYR A OH  1 
ATOM   253 N  N   . LEU A 1 40 ? 0.782   -5.079  -0.020  1.00 9.82  ? 57  LEU A N   1 
ATOM   254 C  CA  . LEU A 1 40 ? -0.066  -3.939  0.271   1.00 10.12 ? 57  LEU A CA  1 
ATOM   255 C  C   . LEU A 1 40 ? -1.534  -4.370  0.222   1.00 9.50  ? 57  LEU A C   1 
ATOM   256 O  O   . LEU A 1 40 ? -2.329  -3.981  1.071   1.00 9.16  ? 57  LEU A O   1 
ATOM   257 C  CB  . LEU A 1 40 ? 0.201   -2.837  -0.745  1.00 10.98 ? 57  LEU A CB  1 
ATOM   258 C  CG  . LEU A 1 40 ? -0.672  -1.585  -0.686  1.00 12.03 ? 57  LEU A CG  1 
ATOM   259 C  CD1 . LEU A 1 40 ? -0.748  -1.048  0.728   1.00 12.54 ? 57  LEU A CD1 1 
ATOM   260 C  CD2 . LEU A 1 40 ? -0.074  -0.534  -1.604  1.00 12.66 ? 57  LEU A CD2 1 
ATOM   261 N  N   . GLY A 1 41 ? -1.883  -5.179  -0.773  1.00 8.66  ? 58  GLY A N   1 
ATOM   262 C  CA  . GLY A 1 41 ? -3.248  -5.662  -0.884  1.00 8.79  ? 58  GLY A CA  1 
ATOM   263 C  C   . GLY A 1 41 ? -3.596  -6.618  0.248   1.00 7.94  ? 58  GLY A C   1 
ATOM   264 O  O   . GLY A 1 41 ? -4.734  -6.635  0.717   1.00 7.46  ? 58  GLY A O   1 
ATOM   265 N  N   . GLN A 1 42 ? -2.625  -7.422  0.682   1.00 7.99  ? 59  GLN A N   1 
ATOM   266 C  CA  . GLN A 1 42 ? -2.847  -8.365  1.772   1.00 8.27  ? 59  GLN A CA  1 
ATOM   267 C  C   . GLN A 1 42 ? -3.101  -7.563  3.029   1.00 8.22  ? 59  GLN A C   1 
ATOM   268 O  O   . GLN A 1 42 ? -3.906  -7.940  3.875   1.00 8.64  ? 59  GLN A O   1 
ATOM   269 C  CB  . GLN A 1 42 ? -1.629  -9.267  1.989   1.00 8.69  ? 59  GLN A CB  1 
ATOM   270 C  CG  . GLN A 1 42 ? -1.731  -10.115 3.264   1.00 11.15 ? 59  GLN A CG  1 
ATOM   271 C  CD  . GLN A 1 42 ? -0.726  -11.265 3.332   1.00 13.25 ? 59  GLN A CD  1 
ATOM   272 O  OE1 . GLN A 1 42 ? -0.590  -11.930 4.369   1.00 14.83 ? 59  GLN A OE1 1 
ATOM   273 N  NE2 . GLN A 1 42 ? -0.033  -11.513 2.231   1.00 12.73 ? 59  GLN A NE2 1 
ATOM   274 N  N   . TYR A 1 43 ? -2.390  -6.454  3.148   1.00 8.30  ? 60  TYR A N   1 
ATOM   275 C  CA  . TYR A 1 43 ? -2.549  -5.573  4.285   1.00 8.99  ? 60  TYR A CA  1 
ATOM   276 C  C   . TYR A 1 43 ? -3.994  -5.056  4.303   1.00 9.08  ? 60  TYR A C   1 
ATOM   277 O  O   . TYR A 1 43 ? -4.682  -5.143  5.322   1.00 9.35  ? 60  TYR A O   1 
ATOM   278 C  CB  . TYR A 1 43 ? -1.582  -4.413  4.159   1.00 8.74  ? 60  TYR A CB  1 
ATOM   279 C  CG  . TYR A 1 43 ? -1.705  -3.409  5.264   1.00 8.99  ? 60  TYR A CG  1 
ATOM   280 C  CD1 . TYR A 1 43 ? -1.100  -3.632  6.497   1.00 8.95  ? 60  TYR A CD1 1 
ATOM   281 C  CD2 . TYR A 1 43 ? -2.430  -2.231  5.081   1.00 8.94  ? 60  TYR A CD2 1 
ATOM   282 C  CE1 . TYR A 1 43 ? -1.205  -2.705  7.524   1.00 9.20  ? 60  TYR A CE1 1 
ATOM   283 C  CE2 . TYR A 1 43 ? -2.546  -1.299  6.103   1.00 9.35  ? 60  TYR A CE2 1 
ATOM   284 C  CZ  . TYR A 1 43 ? -1.928  -1.544  7.324   1.00 9.58  ? 60  TYR A CZ  1 
ATOM   285 O  OH  . TYR A 1 43 ? -2.032  -0.633  8.345   1.00 9.87  ? 60  TYR A OH  1 
ATOM   286 N  N   . ILE A 1 44 ? -4.435  -4.518  3.170   1.00 8.60  ? 61  ILE A N   1 
ATOM   287 C  CA  . ILE A 1 44 ? -5.784  -3.983  3.027   1.00 7.97  ? 61  ILE A CA  1 
ATOM   288 C  C   . ILE A 1 44 ? -6.871  -5.007  3.319   1.00 7.94  ? 61  ILE A C   1 
ATOM   289 O  O   . ILE A 1 44 ? -7.830  -4.705  4.019   1.00 7.54  ? 61  ILE A O   1 
ATOM   290 C  CB  . ILE A 1 44 ? -6.016  -3.430  1.610   1.00 8.14  ? 61  ILE A CB  1 
ATOM   291 C  CG1 . ILE A 1 44 ? -5.102  -2.226  1.370   1.00 8.56  ? 61  ILE A CG1 1 
ATOM   292 C  CG2 . ILE A 1 44 ? -7.475  -3.040  1.432   1.00 7.59  ? 61  ILE A CG2 1 
ATOM   293 C  CD1 . ILE A 1 44 ? -5.116  -1.704  -0.044  1.00 8.40  ? 61  ILE A CD1 1 
ATOM   294 N  N   . MET A 1 45 ? -6.720  -6.211  2.776   1.00 7.82  ? 62  MET A N   1 
ATOM   295 C  CA  . MET A 1 45 ? -7.704  -7.272  2.965   1.00 8.05  ? 62  MET A CA  1 
ATOM   296 C  C   . MET A 1 45 ? -7.666  -7.826  4.377   1.00 8.16  ? 62  MET A C   1 
ATOM   297 O  O   . MET A 1 45 ? -8.702  -8.190  4.925   1.00 8.25  ? 62  MET A O   1 
ATOM   298 C  CB  . MET A 1 45 ? -7.459  -8.411  1.982   1.00 9.23  ? 62  MET A CB  1 
ATOM   299 C  CG  . MET A 1 45 ? -7.494  -7.970  0.522   1.00 9.50  ? 62  MET A CG  1 
ATOM   300 S  SD  . MET A 1 45 ? -9.100  -7.265  0.120   1.00 10.83 ? 62  MET A SD  1 
ATOM   301 C  CE  . MET A 1 45 ? -10.164 -8.567  0.635   1.00 9.69  ? 62  MET A CE  1 
ATOM   302 N  N   . THR A 1 46 ? -6.470  -7.901  4.956   1.00 7.33  ? 63  THR A N   1 
ATOM   303 C  CA  . THR A 1 46 ? -6.316  -8.393  6.315   1.00 7.58  ? 63  THR A CA  1 
ATOM   304 C  C   . THR A 1 46 ? -6.992  -7.454  7.318   1.00 8.00  ? 63  THR A C   1 
ATOM   305 O  O   . THR A 1 46 ? -7.696  -7.897  8.224   1.00 7.47  ? 63  THR A O   1 
ATOM   306 C  CB  . THR A 1 46 ? -4.822  -8.547  6.692   1.00 7.86  ? 63  THR A CB  1 
ATOM   307 O  OG1 . THR A 1 46 ? -4.238  -9.572  5.875   1.00 7.73  ? 63  THR A OG1 1 
ATOM   308 C  CG2 . THR A 1 46 ? -4.675  -8.911  8.168   1.00 7.11  ? 63  THR A CG2 1 
ATOM   309 N  N   . LYS A 1 47 ? -6.765  -6.156  7.170   1.00 7.77  ? 64  LYS A N   1 
ATOM   310 C  CA  . LYS A 1 47 ? -7.381  -5.206  8.078   1.00 8.49  ? 64  LYS A CA  1 
ATOM   311 C  C   . LYS A 1 47 ? -8.810  -4.907  7.648   1.00 8.83  ? 64  LYS A C   1 
ATOM   312 O  O   . LYS A 1 47 ? -9.585  -4.335  8.407   1.00 8.86  ? 64  LYS A O   1 
ATOM   313 C  CB  . LYS A 1 47 ? -6.579  -3.905  8.136   1.00 9.03  ? 64  LYS A CB  1 
ATOM   314 C  CG  . LYS A 1 47 ? -5.144  -4.074  8.606   1.00 9.39  ? 64  LYS A CG  1 
ATOM   315 C  CD  . LYS A 1 47 ? -4.543  -2.744  9.032   1.00 10.28 ? 64  LYS A CD  1 
ATOM   316 C  CE  . LYS A 1 47 ? -5.240  -2.182  10.268  1.00 10.39 ? 64  LYS A CE  1 
ATOM   317 N  NZ  . LYS A 1 47 ? -4.424  -1.147  10.966  1.00 10.88 ? 64  LYS A NZ  1 
ATOM   318 N  N   . ARG A 1 48 ? -9.162  -5.313  6.431   1.00 9.60  ? 65  ARG A N   1 
ATOM   319 C  CA  . ARG A 1 48 ? -10.496 -5.063  5.893   1.00 9.05  ? 65  ARG A CA  1 
ATOM   320 C  C   . ARG A 1 48 ? -10.835 -3.581  5.821   1.00 8.91  ? 65  ARG A C   1 
ATOM   321 O  O   . ARG A 1 48 ? -11.909 -3.162  6.256   1.00 9.34  ? 65  ARG A O   1 
ATOM   322 C  CB  . ARG A 1 48 ? -11.551 -5.776  6.733   1.00 9.21  ? 65  ARG A CB  1 
ATOM   323 C  CG  . ARG A 1 48 ? -11.698 -7.229  6.373   1.00 10.27 ? 65  ARG A CG  1 
ATOM   324 C  CD  . ARG A 1 48 ? -12.877 -7.885  7.063   1.00 11.31 ? 65  ARG A CD  1 
ATOM   325 N  NE  . ARG A 1 48 ? -12.944 -9.301  6.736   1.00 12.09 ? 65  ARG A NE  1 
ATOM   326 C  CZ  . ARG A 1 48 ? -14.001 -9.885  6.180   1.00 12.90 ? 65  ARG A CZ  1 
ATOM   327 N  NH1 . ARG A 1 48 ? -15.087 -9.175  5.894   1.00 12.80 ? 65  ARG A NH1 1 
ATOM   328 N  NH2 . ARG A 1 48 ? -13.968 -11.178 5.882   1.00 14.33 ? 65  ARG A NH2 1 
ATOM   329 N  N   . LEU A 1 49 ? -9.922  -2.791  5.273   1.00 8.33  ? 66  LEU A N   1 
ATOM   330 C  CA  . LEU A 1 49 ? -10.144 -1.357  5.171   1.00 8.53  ? 66  LEU A CA  1 
ATOM   331 C  C   . LEU A 1 49 ? -11.098 -1.026  4.037   1.00 9.03  ? 66  LEU A C   1 
ATOM   332 O  O   . LEU A 1 49 ? -11.485 0.125   3.863   1.00 9.32  ? 66  LEU A O   1 
ATOM   333 C  CB  . LEU A 1 49 ? -8.821  -0.625  4.957   1.00 7.61  ? 66  LEU A CB  1 
ATOM   334 C  CG  . LEU A 1 49 ? -7.760  -0.869  6.034   1.00 8.40  ? 66  LEU A CG  1 
ATOM   335 C  CD1 . LEU A 1 49 ? -6.527  -0.032  5.745   1.00 9.74  ? 66  LEU A CD1 1 
ATOM   336 C  CD2 . LEU A 1 49 ? -8.310  -0.515  7.406   1.00 7.82  ? 66  LEU A CD2 1 
ATOM   337 N  N   . TYR A 1 50 ? -11.477 -2.040  3.267   1.00 10.00 ? 67  TYR A N   1 
ATOM   338 C  CA  . TYR A 1 50 ? -12.394 -1.848  2.151   1.00 10.22 ? 67  TYR A CA  1 
ATOM   339 C  C   . TYR A 1 50 ? -13.823 -1.764  2.668   1.00 10.83 ? 67  TYR A C   1 
ATOM   340 O  O   . TYR A 1 50 ? -14.108 -2.152  3.797   1.00 11.36 ? 67  TYR A O   1 
ATOM   341 C  CB  . TYR A 1 50 ? -12.241 -2.995  1.133   1.00 9.61  ? 67  TYR A CB  1 
ATOM   342 C  CG  . TYR A 1 50 ? -12.592 -4.374  1.648   1.00 9.69  ? 67  TYR A CG  1 
ATOM   343 C  CD1 . TYR A 1 50 ? -13.900 -4.847  1.591   1.00 10.19 ? 67  TYR A CD1 1 
ATOM   344 C  CD2 . TYR A 1 50 ? -11.619 -5.195  2.216   1.00 10.21 ? 67  TYR A CD2 1 
ATOM   345 C  CE1 . TYR A 1 50 ? -14.232 -6.107  2.094   1.00 10.39 ? 67  TYR A CE1 1 
ATOM   346 C  CE2 . TYR A 1 50 ? -11.937 -6.452  2.723   1.00 10.70 ? 67  TYR A CE2 1 
ATOM   347 C  CZ  . TYR A 1 50 ? -13.242 -6.902  2.661   1.00 10.90 ? 67  TYR A CZ  1 
ATOM   348 O  OH  . TYR A 1 50 ? -13.542 -8.135  3.184   1.00 11.64 ? 67  TYR A OH  1 
ATOM   349 N  N   . ASP A 1 51 ? -14.718 -1.250  1.837   1.00 12.02 ? 68  ASP A N   1 
ATOM   350 C  CA  . ASP A 1 51 ? -16.123 -1.097  2.203   1.00 13.76 ? 68  ASP A CA  1 
ATOM   351 C  C   . ASP A 1 51 ? -16.919 -2.334  1.768   1.00 14.12 ? 68  ASP A C   1 
ATOM   352 O  O   . ASP A 1 51 ? -16.880 -2.704  0.602   1.00 14.43 ? 68  ASP A O   1 
ATOM   353 C  CB  . ASP A 1 51 ? -16.681 0.155   1.525   1.00 14.66 ? 68  ASP A CB  1 
ATOM   354 C  CG  . ASP A 1 51 ? -18.111 0.419   1.889   1.00 16.27 ? 68  ASP A CG  1 
ATOM   355 O  OD1 . ASP A 1 51 ? -18.356 1.270   2.764   1.00 18.03 ? 68  ASP A OD1 1 
ATOM   356 O  OD2 . ASP A 1 51 ? -19.003 -0.218  1.302   1.00 17.44 ? 68  ASP A OD2 1 
ATOM   357 N  N   . GLU A 1 52 ? -17.633 -2.981  2.686   1.00 14.94 ? 69  GLU A N   1 
ATOM   358 C  CA  . GLU A 1 52 ? -18.401 -4.175  2.318   1.00 16.21 ? 69  GLU A CA  1 
ATOM   359 C  C   . GLU A 1 52 ? -19.377 -3.942  1.160   1.00 16.15 ? 69  GLU A C   1 
ATOM   360 O  O   . GLU A 1 52 ? -19.497 -4.775  0.267   1.00 15.38 ? 69  GLU A O   1 
ATOM   361 C  CB  . GLU A 1 52 ? -19.174 -4.720  3.524   1.00 17.88 ? 69  GLU A CB  1 
ATOM   362 C  CG  . GLU A 1 52 ? -18.472 -5.835  4.300   1.00 20.95 ? 69  GLU A CG  1 
ATOM   363 C  CD  . GLU A 1 52 ? -18.230 -7.092  3.470   1.00 22.03 ? 69  GLU A CD  1 
ATOM   364 O  OE1 . GLU A 1 52 ? -19.219 -7.726  3.030   1.00 23.67 ? 69  GLU A OE1 1 
ATOM   365 O  OE2 . GLU A 1 52 ? -17.049 -7.450  3.251   1.00 22.56 ? 69  GLU A OE2 1 
ATOM   366 N  N   . LYS A 1 53 ? -20.080 -2.818  1.158   1.00 16.80 ? 70  LYS A N   1 
ATOM   367 C  CA  . LYS A 1 53 ? -21.025 -2.569  0.064   1.00 18.06 ? 70  LYS A CA  1 
ATOM   368 C  C   . LYS A 1 53 ? -20.391 -2.175  -1.281  1.00 18.13 ? 70  LYS A C   1 
ATOM   369 O  O   . LYS A 1 53 ? -20.844 -2.581  -2.348  1.00 18.97 ? 70  LYS A O   1 
ATOM   370 C  CB  . LYS A 1 53 ? -22.063 -1.521  0.505   1.00 18.31 ? 70  LYS A CB  1 
ATOM   371 C  CG  . LYS A 1 53 ? -23.058 -2.066  1.496   1.00 19.97 ? 70  LYS A CG  1 
ATOM   372 C  CD  . LYS A 1 53 ? -24.198 -1.093  1.804   1.00 21.45 ? 70  LYS A CD  1 
ATOM   373 C  CE  . LYS A 1 53 ? -24.978 -1.622  3.017   1.00 22.80 ? 70  LYS A CE  1 
ATOM   374 N  NZ  . LYS A 1 53 ? -25.884 -0.705  3.815   1.00 24.88 ? 70  LYS A NZ  1 
ATOM   375 N  N   . GLN A 1 54 ? -19.350 -1.363  -1.204  1.00 18.53 ? 71  GLN A N   1 
ATOM   376 C  CA  . GLN A 1 54 ? -18.628 -0.900  -2.378  1.00 19.28 ? 71  GLN A CA  1 
ATOM   377 C  C   . GLN A 1 54 ? -17.202 -1.461  -2.199  1.00 18.32 ? 71  GLN A C   1 
ATOM   378 O  O   . GLN A 1 54 ? -16.317 -0.747  -1.733  1.00 17.91 ? 71  GLN A O   1 
ATOM   379 C  CB  . GLN A 1 54 ? -18.628 0.639   -2.381  1.00 19.95 ? 71  GLN A CB  1 
ATOM   380 C  CG  . GLN A 1 54 ? -20.020 1.279   -2.163  1.00 22.95 ? 71  GLN A CG  1 
ATOM   381 C  CD  . GLN A 1 54 ? -20.009 2.775   -2.503  1.00 24.96 ? 71  GLN A CD  1 
ATOM   382 O  OE1 . GLN A 1 54 ? -19.461 3.168   -3.536  1.00 26.58 ? 71  GLN A OE1 1 
ATOM   383 N  NE2 . GLN A 1 54 ? -20.607 3.608   -1.647  1.00 25.98 ? 71  GLN A NE2 1 
ATOM   384 N  N   . GLN A 1 55 ? -16.956 -2.721  -2.569  1.00 18.47 ? 72  GLN A N   1 
ATOM   385 C  CA  . GLN A 1 55 ? -15.621 -3.297  -2.305  1.00 18.20 ? 72  GLN A CA  1 
ATOM   386 C  C   . GLN A 1 55 ? -14.344 -2.760  -2.953  1.00 17.36 ? 72  GLN A C   1 
ATOM   387 O  O   . GLN A 1 55 ? -13.239 -3.192  -2.599  1.00 17.90 ? 72  GLN A O   1 
ATOM   388 C  CB  . GLN A 1 55 ? -15.651 -4.808  -2.480  1.00 18.84 ? 72  GLN A CB  1 
ATOM   389 C  CG  . GLN A 1 55 ? -16.535 -5.489  -1.465  1.00 19.99 ? 72  GLN A CG  1 
ATOM   390 C  CD  . GLN A 1 55 ? -16.850 -6.903  -1.854  1.00 20.60 ? 72  GLN A CD  1 
ATOM   391 O  OE1 . GLN A 1 55 ? -16.379 -7.391  -2.876  1.00 21.13 ? 72  GLN A OE1 1 
ATOM   392 N  NE2 . GLN A 1 55 ? -17.660 -7.572  -1.045  1.00 21.25 ? 72  GLN A NE2 1 
ATOM   393 N  N   . HIS A 1 56 ? -14.469 -1.825  -3.882  1.00 16.80 ? 73  HIS A N   1 
ATOM   394 C  CA  . HIS A 1 56 ? -13.277 -1.269  -4.508  1.00 16.10 ? 73  HIS A CA  1 
ATOM   395 C  C   . HIS A 1 56 ? -12.795 -0.032  -3.750  1.00 15.14 ? 73  HIS A C   1 
ATOM   396 O  O   . HIS A 1 56 ? -11.684 0.451   -3.968  1.00 14.97 ? 73  HIS A O   1 
ATOM   397 C  CB  . HIS A 1 56 ? -13.581 -0.927  -5.963  1.00 16.56 ? 73  HIS A CB  1 
ATOM   398 C  CG  . HIS A 1 56 ? -14.723 0.029   -6.133  1.00 17.01 ? 73  HIS A CG  1 
ATOM   399 N  ND1 . HIS A 1 56 ? -14.537 1.391   -6.241  1.00 17.63 ? 73  HIS A ND1 1 
ATOM   400 C  CD2 . HIS A 1 56 ? -16.055 -0.182  -6.207  1.00 17.26 ? 73  HIS A CD2 1 
ATOM   401 C  CE1 . HIS A 1 56 ? -15.715 1.976   -6.379  1.00 17.83 ? 73  HIS A CE1 1 
ATOM   402 N  NE2 . HIS A 1 56 ? -16.653 1.050   -6.361  1.00 17.69 ? 73  HIS A NE2 1 
ATOM   403 N  N   . ILE A 1 57 ? -13.632 0.459   -2.844  1.00 14.29 ? 74  ILE A N   1 
ATOM   404 C  CA  . ILE A 1 57 ? -13.315 1.644   -2.055  1.00 13.24 ? 74  ILE A CA  1 
ATOM   405 C  C   . ILE A 1 57 ? -12.595 1.257   -0.769  1.00 12.37 ? 74  ILE A C   1 
ATOM   406 O  O   . ILE A 1 57 ? -13.034 0.364   -0.056  1.00 12.26 ? 74  ILE A O   1 
ATOM   407 C  CB  . ILE A 1 57 ? -14.605 2.417   -1.715  1.00 13.32 ? 74  ILE A CB  1 
ATOM   408 C  CG1 . ILE A 1 57 ? -15.267 2.908   -3.008  1.00 13.45 ? 74  ILE A CG1 1 
ATOM   409 C  CG2 . ILE A 1 57 ? -14.297 3.567   -0.786  1.00 13.66 ? 74  ILE A CG2 1 
ATOM   410 C  CD1 . ILE A 1 57 ? -14.359 3.771   -3.863  1.00 14.43 ? 74  ILE A CD1 1 
ATOM   411 N  N   . VAL A 1 58 ? -11.503 1.954   -0.476  1.00 11.90 ? 75  VAL A N   1 
ATOM   412 C  CA  . VAL A 1 58 ? -10.680 1.693   0.699   1.00 11.57 ? 75  VAL A CA  1 
ATOM   413 C  C   . VAL A 1 58 ? -10.706 2.862   1.679   1.00 11.94 ? 75  VAL A C   1 
ATOM   414 O  O   . VAL A 1 58 ? -10.503 3.996   1.274   1.00 11.30 ? 75  VAL A O   1 
ATOM   415 C  CB  . VAL A 1 58 ? -9.212  1.486   0.290   1.00 11.42 ? 75  VAL A CB  1 
ATOM   416 C  CG1 . VAL A 1 58 ? -8.341  1.353   1.514   1.00 10.54 ? 75  VAL A CG1 1 
ATOM   417 C  CG2 . VAL A 1 58 ? -9.090  0.278   -0.611  1.00 10.69 ? 75  VAL A CG2 1 
ATOM   418 N  N   . TYR A 1 59 ? -10.951 2.589   2.959   1.00 11.91 ? 76  TYR A N   1 
ATOM   419 C  CA  . TYR A 1 59 ? -10.966 3.627   3.993   1.00 12.75 ? 76  TYR A CA  1 
ATOM   420 C  C   . TYR A 1 59 ? -9.725  3.419   4.855   1.00 12.79 ? 76  TYR A C   1 
ATOM   421 O  O   . TYR A 1 59 ? -9.570  2.363   5.463   1.00 13.47 ? 76  TYR A O   1 
ATOM   422 C  CB  . TYR A 1 59 ? -12.235 3.516   4.848   1.00 13.73 ? 76  TYR A CB  1 
ATOM   423 C  CG  . TYR A 1 59 ? -13.486 3.813   4.066   1.00 15.49 ? 76  TYR A CG  1 
ATOM   424 C  CD1 . TYR A 1 59 ? -13.692 5.075   3.523   1.00 16.15 ? 76  TYR A CD1 1 
ATOM   425 C  CD2 . TYR A 1 59 ? -14.402 2.804   3.766   1.00 15.87 ? 76  TYR A CD2 1 
ATOM   426 C  CE1 . TYR A 1 59 ? -14.765 5.326   2.691   1.00 17.21 ? 76  TYR A CE1 1 
ATOM   427 C  CE2 . TYR A 1 59 ? -15.485 3.047   2.935   1.00 17.00 ? 76  TYR A CE2 1 
ATOM   428 C  CZ  . TYR A 1 59 ? -15.652 4.310   2.394   1.00 17.69 ? 76  TYR A CZ  1 
ATOM   429 O  OH  . TYR A 1 59 ? -16.681 4.565   1.521   1.00 20.00 ? 76  TYR A OH  1 
ATOM   430 N  N   . CYS A 1 60 ? -8.848  4.417   4.908   1.00 12.25 ? 77  CYS A N   1 
ATOM   431 C  CA  . CYS A 1 60 ? -7.594  4.300   5.652   1.00 12.27 ? 77  CYS A CA  1 
ATOM   432 C  C   . CYS A 1 60 ? -7.316  5.494   6.540   1.00 12.55 ? 77  CYS A C   1 
ATOM   433 O  O   . CYS A 1 60 ? -6.170  5.776   6.877   1.00 13.12 ? 77  CYS A O   1 
ATOM   434 C  CB  . CYS A 1 60 ? -6.428  4.116   4.678   1.00 12.09 ? 77  CYS A CB  1 
ATOM   435 S  SG  . CYS A 1 60 ? -6.460  5.278   3.309   1.00 12.58 ? 77  CYS A SG  1 
ATOM   436 N  N   . SER A 1 61 ? -8.371  6.202   6.905   1.00 12.13 ? 78  SER A N   1 
ATOM   437 C  CA  . SER A 1 61 ? -8.240  7.344   7.776   1.00 12.55 ? 78  SER A CA  1 
ATOM   438 C  C   . SER A 1 61 ? -7.743  6.901   9.150   1.00 12.40 ? 78  SER A C   1 
ATOM   439 O  O   . SER A 1 61 ? -8.216  5.919   9.707   1.00 12.40 ? 78  SER A O   1 
ATOM   440 C  CB  . SER A 1 61 ? -9.583  8.066   7.880   1.00 12.09 ? 78  SER A CB  1 
ATOM   441 O  OG  . SER A 1 61 ? -9.439  9.251   8.617   1.00 13.41 ? 78  SER A OG  1 
ATOM   442 N  N   . ASN A 1 62 ? -6.756  7.625   9.667   1.00 11.89 ? 79  ASN A N   1 
ATOM   443 C  CA  . ASN A 1 62 ? -6.152  7.347   10.974  1.00 12.97 ? 79  ASN A CA  1 
ATOM   444 C  C   . ASN A 1 62 ? -5.395  6.015   11.044  1.00 12.49 ? 79  ASN A C   1 
ATOM   445 O  O   . ASN A 1 62 ? -5.121  5.490   12.125  1.00 12.86 ? 79  ASN A O   1 
ATOM   446 C  CB  . ASN A 1 62 ? -7.223  7.374   12.068  1.00 14.79 ? 79  ASN A CB  1 
ATOM   447 C  CG  . ASN A 1 62 ? -6.638  7.573   13.465  1.00 17.35 ? 79  ASN A CG  1 
ATOM   448 O  OD1 . ASN A 1 62 ? -7.217  7.123   14.480  1.00 18.81 ? 79  ASN A OD1 1 
ATOM   449 N  ND2 . ASN A 1 62 ? -5.494  8.255   13.533  1.00 18.94 ? 79  ASN A ND2 1 
ATOM   450 N  N   . ASP A 1 63 ? -5.054  5.488   9.877   1.00 11.80 ? 80  ASP A N   1 
ATOM   451 C  CA  . ASP A 1 63 ? -4.330  4.235   9.755   1.00 10.64 ? 80  ASP A CA  1 
ATOM   452 C  C   . ASP A 1 63 ? -2.969  4.537   9.139   1.00 9.96  ? 80  ASP A C   1 
ATOM   453 O  O   . ASP A 1 63 ? -2.787  5.592   8.550   1.00 9.40  ? 80  ASP A O   1 
ATOM   454 C  CB  . ASP A 1 63 ? -5.093  3.295   8.826   1.00 10.41 ? 80  ASP A CB  1 
ATOM   455 C  CG  . ASP A 1 63 ? -4.471  1.932   8.752   1.00 10.27 ? 80  ASP A CG  1 
ATOM   456 O  OD1 . ASP A 1 63 ? -4.790  1.087   9.608   1.00 10.95 ? 80  ASP A OD1 1 
ATOM   457 O  OD2 . ASP A 1 63 ? -3.648  1.694   7.852   1.00 9.71  ? 80  ASP A OD2 1 
ATOM   458 N  N   . LEU A 1 64 ? -2.033  3.602   9.268   1.00 9.54  ? 81  LEU A N   1 
ATOM   459 C  CA  . LEU A 1 64 ? -0.692  3.728   8.698   1.00 9.14  ? 81  LEU A CA  1 
ATOM   460 C  C   . LEU A 1 64 ? -0.761  3.993   7.193   1.00 9.22  ? 81  LEU A C   1 
ATOM   461 O  O   . LEU A 1 64 ? 0.014   4.780   6.648   1.00 8.09  ? 81  LEU A O   1 
ATOM   462 C  CB  . LEU A 1 64 ? 0.096   2.431   8.932   1.00 9.79  ? 81  LEU A CB  1 
ATOM   463 C  CG  . LEU A 1 64 ? 1.500   2.260   8.339   1.00 10.87 ? 81  LEU A CG  1 
ATOM   464 C  CD1 . LEU A 1 64 ? 2.426   3.351   8.855   1.00 10.54 ? 81  LEU A CD1 1 
ATOM   465 C  CD2 . LEU A 1 64 ? 2.041   0.890   8.723   1.00 11.24 ? 81  LEU A CD2 1 
ATOM   466 N  N   . LEU A 1 65 ? -1.680  3.306   6.523   1.00 8.59  ? 82  LEU A N   1 
ATOM   467 C  CA  . LEU A 1 65 ? -1.828  3.459   5.087   1.00 9.30  ? 82  LEU A CA  1 
ATOM   468 C  C   . LEU A 1 65 ? -2.232  4.890   4.724   1.00 10.01 ? 82  LEU A C   1 
ATOM   469 O  O   . LEU A 1 65 ? -1.780  5.432   3.713   1.00 9.69  ? 82  LEU A O   1 
ATOM   470 C  CB  . LEU A 1 65 ? -2.863  2.473   4.551   1.00 7.95  ? 82  LEU A CB  1 
ATOM   471 C  CG  . LEU A 1 65 ? -3.037  2.444   3.027   1.00 8.70  ? 82  LEU A CG  1 
ATOM   472 C  CD1 . LEU A 1 65 ? -1.670  2.293   2.332   1.00 7.58  ? 82  LEU A CD1 1 
ATOM   473 C  CD2 . LEU A 1 65 ? -3.966  1.308   2.656   1.00 7.17  ? 82  LEU A CD2 1 
ATOM   474 N  N   . GLY A 1 66 ? -3.090  5.482   5.553   1.00 10.61 ? 83  GLY A N   1 
ATOM   475 C  CA  . GLY A 1 66 ? -3.534  6.848   5.339   1.00 11.68 ? 83  GLY A CA  1 
ATOM   476 C  C   . GLY A 1 66 ? -2.341  7.774   5.495   1.00 12.55 ? 83  GLY A C   1 
ATOM   477 O  O   . GLY A 1 66 ? -2.164  8.721   4.729   1.00 12.72 ? 83  GLY A O   1 
ATOM   478 N  N   . ASP A 1 67 ? -1.509  7.498   6.493   1.00 13.90 ? 84  ASP A N   1 
ATOM   479 C  CA  . ASP A 1 67 ? -0.322  8.303   6.706   1.00 15.50 ? 84  ASP A CA  1 
ATOM   480 C  C   . ASP A 1 67 ? 0.539   8.216   5.436   1.00 15.60 ? 84  ASP A C   1 
ATOM   481 O  O   . ASP A 1 67 ? 0.895   9.237   4.849   1.00 16.19 ? 84  ASP A O   1 
ATOM   482 C  CB  . ASP A 1 67 ? 0.466   7.796   7.919   1.00 17.01 ? 84  ASP A CB  1 
ATOM   483 C  CG  . ASP A 1 67 ? -0.341  7.850   9.221   1.00 18.99 ? 84  ASP A CG  1 
ATOM   484 O  OD1 . ASP A 1 67 ? -1.290  8.666   9.327   1.00 20.97 ? 84  ASP A OD1 1 
ATOM   485 O  OD2 . ASP A 1 67 ? -0.019  7.080   10.154  1.00 19.71 ? 84  ASP A OD2 1 
ATOM   486 N  N   . LEU A 1 68 ? 0.836   6.989   5.014   1.00 15.69 ? 85  LEU A N   1 
ATOM   487 C  CA  . LEU A 1 68 ? 1.641   6.714   3.823   1.00 15.36 ? 85  LEU A CA  1 
ATOM   488 C  C   . LEU A 1 68 ? 1.184   7.454   2.574   1.00 13.96 ? 85  LEU A C   1 
ATOM   489 O  O   . LEU A 1 68 ? 1.949   8.222   1.995   1.00 13.61 ? 85  LEU A O   1 
ATOM   490 C  CB  . LEU A 1 68 ? 1.612   5.221   3.494   1.00 16.62 ? 85  LEU A CB  1 
ATOM   491 C  CG  . LEU A 1 68 ? 2.665   4.228   3.974   1.00 17.88 ? 85  LEU A CG  1 
ATOM   492 C  CD1 . LEU A 1 68 ? 2.629   4.027   5.479   1.00 19.15 ? 85  LEU A CD1 1 
ATOM   493 C  CD2 . LEU A 1 68 ? 2.374   2.914   3.282   1.00 19.14 ? 85  LEU A CD2 1 
ATOM   494 N  N   . PHE A 1 69 ? -0.055  7.189   2.160   1.00 13.71 ? 86  PHE A N   1 
ATOM   495 C  CA  . PHE A 1 69 ? -0.642  7.778   0.960   1.00 13.11 ? 86  PHE A CA  1 
ATOM   496 C  C   . PHE A 1 69 ? -0.994  9.257   1.055   1.00 13.18 ? 86  PHE A C   1 
ATOM   497 O  O   . PHE A 1 69 ? -0.922  9.980   0.067   1.00 14.37 ? 86  PHE A O   1 
ATOM   498 C  CB  . PHE A 1 69 ? -1.878  6.971   0.550   1.00 11.97 ? 86  PHE A CB  1 
ATOM   499 C  CG  . PHE A 1 69 ? -1.561  5.667   -0.147  1.00 10.69 ? 86  PHE A CG  1 
ATOM   500 C  CD1 . PHE A 1 69 ? -0.247  5.198   -0.226  1.00 10.62 ? 86  PHE A CD1 1 
ATOM   501 C  CD2 . PHE A 1 69 ? -2.575  4.912   -0.736  1.00 10.22 ? 86  PHE A CD2 1 
ATOM   502 C  CE1 . PHE A 1 69 ? 0.044   3.995   -0.868  1.00 10.55 ? 86  PHE A CE1 1 
ATOM   503 C  CE2 . PHE A 1 69 ? -2.299  3.707   -1.380  1.00 10.01 ? 86  PHE A CE2 1 
ATOM   504 C  CZ  . PHE A 1 69 ? -0.988  3.250   -1.453  1.00 10.80 ? 86  PHE A CZ  1 
ATOM   505 N  N   . GLY A 1 70 ? -1.368  9.712   2.243   1.00 14.03 ? 87  GLY A N   1 
ATOM   506 C  CA  . GLY A 1 70 ? -1.728  11.109  2.410   1.00 14.51 ? 87  GLY A CA  1 
ATOM   507 C  C   . GLY A 1 70 ? -3.198  11.383  2.126   1.00 14.72 ? 87  GLY A C   1 
ATOM   508 O  O   . GLY A 1 70 ? -3.596  12.545  2.015   1.00 15.29 ? 87  GLY A O   1 
ATOM   509 N  N   . VAL A 1 71 ? -4.001  10.325  2.003   1.00 14.18 ? 88  VAL A N   1 
ATOM   510 C  CA  . VAL A 1 71 ? -5.434  10.460  1.733   1.00 12.98 ? 88  VAL A CA  1 
ATOM   511 C  C   . VAL A 1 71 ? -6.251  9.633   2.717   1.00 12.67 ? 88  VAL A C   1 
ATOM   512 O  O   . VAL A 1 71 ? -5.756  8.652   3.264   1.00 13.49 ? 88  VAL A O   1 
ATOM   513 C  CB  . VAL A 1 71 ? -5.804  9.962   0.319   1.00 13.25 ? 88  VAL A CB  1 
ATOM   514 C  CG1 . VAL A 1 71 ? -5.092  10.776  -0.730  1.00 12.90 ? 88  VAL A CG1 1 
ATOM   515 C  CG2 . VAL A 1 71 ? -5.469  8.489   0.188   1.00 13.40 ? 88  VAL A CG2 1 
ATOM   516 N  N   . PRO A 1 72 ? -7.518  10.013  2.951   1.00 11.70 ? 89  PRO A N   1 
ATOM   517 C  CA  . PRO A 1 72 ? -8.397  9.283   3.876   1.00 10.89 ? 89  PRO A CA  1 
ATOM   518 C  C   . PRO A 1 72 ? -9.122  8.103   3.216   1.00 10.67 ? 89  PRO A C   1 
ATOM   519 O  O   . PRO A 1 72 ? -9.687  7.246   3.897   1.00 10.19 ? 89  PRO A O   1 
ATOM   520 C  CB  . PRO A 1 72 ? -9.361  10.354  4.342   1.00 10.95 ? 89  PRO A CB  1 
ATOM   521 C  CG  . PRO A 1 72 ? -9.524  11.188  3.097   1.00 11.73 ? 89  PRO A CG  1 
ATOM   522 C  CD  . PRO A 1 72 ? -8.127  11.290  2.538   1.00 11.24 ? 89  PRO A CD  1 
ATOM   523 N  N   . SER A 1 73 ? -9.115  8.076   1.888   1.00 10.60 ? 90  SER A N   1 
ATOM   524 C  CA  . SER A 1 73 ? -9.759  7.007   1.140   1.00 11.31 ? 90  SER A CA  1 
ATOM   525 C  C   . SER A 1 73 ? -9.323  7.042   -0.309  1.00 10.92 ? 90  SER A C   1 
ATOM   526 O  O   . SER A 1 73 ? -8.828  8.057   -0.788  1.00 11.30 ? 90  SER A O   1 
ATOM   527 C  CB  . SER A 1 73 ? -11.282 7.129   1.211   1.00 12.27 ? 90  SER A CB  1 
ATOM   528 O  OG  . SER A 1 73 ? -11.759 8.122   0.321   1.00 15.86 ? 90  SER A OG  1 
ATOM   529 N  N   . PHE A 1 74 ? -9.499  5.927   -1.001  1.00 10.50 ? 91  PHE A N   1 
ATOM   530 C  CA  . PHE A 1 74 ? -9.139  5.847   -2.399  1.00 10.28 ? 91  PHE A CA  1 
ATOM   531 C  C   . PHE A 1 74 ? -9.810  4.637   -3.012  1.00 10.49 ? 91  PHE A C   1 
ATOM   532 O  O   . PHE A 1 74 ? -10.359 3.796   -2.298  1.00 9.04  ? 91  PHE A O   1 
ATOM   533 C  CB  . PHE A 1 74 ? -7.614  5.767   -2.553  1.00 10.15 ? 91  PHE A CB  1 
ATOM   534 C  CG  . PHE A 1 74 ? -6.997  4.486   -2.039  1.00 9.93  ? 91  PHE A CG  1 
ATOM   535 C  CD1 . PHE A 1 74 ? -6.877  3.376   -2.869  1.00 9.93  ? 91  PHE A CD1 1 
ATOM   536 C  CD2 . PHE A 1 74 ? -6.506  4.406   -0.740  1.00 9.56  ? 91  PHE A CD2 1 
ATOM   537 C  CE1 . PHE A 1 74 ? -6.278  2.206   -2.411  1.00 10.05 ? 91  PHE A CE1 1 
ATOM   538 C  CE2 . PHE A 1 74 ? -5.906  3.244   -0.270  1.00 9.37  ? 91  PHE A CE2 1 
ATOM   539 C  CZ  . PHE A 1 74 ? -5.789  2.142   -1.106  1.00 9.54  ? 91  PHE A CZ  1 
ATOM   540 N  N   . SER A 1 75 ? -9.766  4.570   -4.339  1.00 11.65 ? 92  SER A N   1 
ATOM   541 C  CA  . SER A 1 75 ? -10.340 3.465   -5.082  1.00 12.75 ? 92  SER A CA  1 
ATOM   542 C  C   . SER A 1 75 ? -9.247  2.642   -5.735  1.00 13.73 ? 92  SER A C   1 
ATOM   543 O  O   . SER A 1 75 ? -8.366  3.181   -6.398  1.00 13.80 ? 92  SER A O   1 
ATOM   544 C  CB  . SER A 1 75 ? -11.282 3.977   -6.173  1.00 12.26 ? 92  SER A CB  1 
ATOM   545 O  OG  . SER A 1 75 ? -11.524 2.963   -7.134  1.00 12.29 ? 92  SER A OG  1 
ATOM   546 N  N   . VAL A 1 76 ? -9.319  1.331   -5.556  1.00 15.04 ? 93  VAL A N   1 
ATOM   547 C  CA  . VAL A 1 76 ? -8.348  0.429   -6.148  1.00 16.39 ? 93  VAL A CA  1 
ATOM   548 C  C   . VAL A 1 76 ? -8.483  0.403   -7.674  1.00 17.13 ? 93  VAL A C   1 
ATOM   549 O  O   . VAL A 1 76 ? -7.711  -0.267  -8.354  1.00 17.58 ? 93  VAL A O   1 
ATOM   550 C  CB  . VAL A 1 76 ? -8.548  -1.009  -5.623  1.00 16.76 ? 93  VAL A CB  1 
ATOM   551 C  CG1 . VAL A 1 76 ? -8.265  -1.063  -4.134  1.00 16.50 ? 93  VAL A CG1 1 
ATOM   552 C  CG2 . VAL A 1 76 ? -9.977  -1.481  -5.907  1.00 17.16 ? 93  VAL A CG2 1 
ATOM   553 N  N   . LYS A 1 77 ? -9.485  1.108   -8.202  1.00 18.06 ? 94  LYS A N   1 
ATOM   554 C  CA  . LYS A 1 77 ? -9.735  1.160   -9.650  1.00 19.62 ? 94  LYS A CA  1 
ATOM   555 C  C   . LYS A 1 77 ? -8.934  2.255   -10.360 1.00 19.57 ? 94  LYS A C   1 
ATOM   556 O  O   . LYS A 1 77 ? -8.896  2.310   -11.585 1.00 19.99 ? 94  LYS A O   1 
ATOM   557 C  CB  . LYS A 1 77 ? -11.225 1.380   -9.941  1.00 20.31 ? 94  LYS A CB  1 
ATOM   558 C  CG  . LYS A 1 77 ? -12.143 0.202   -9.617  1.00 22.12 ? 94  LYS A CG  1 
ATOM   559 C  CD  . LYS A 1 77 ? -13.610 0.575   -9.888  1.00 24.25 ? 94  LYS A CD  1 
ATOM   560 C  CE  . LYS A 1 77 ? -14.570 -0.611  -9.696  1.00 25.61 ? 94  LYS A CE  1 
ATOM   561 N  NZ  . LYS A 1 77 ? -16.010 -0.240  -9.977  1.00 27.21 ? 94  LYS A NZ  1 
ATOM   562 N  N   . GLU A 1 78 ? -8.291  3.115   -9.579  1.00 19.75 ? 95  GLU A N   1 
ATOM   563 C  CA  . GLU A 1 78 ? -7.482  4.205   -10.119 1.00 20.29 ? 95  GLU A CA  1 
ATOM   564 C  C   . GLU A 1 78 ? -6.035  3.830   -9.989  1.00 19.10 ? 95  GLU A C   1 
ATOM   565 O  O   . GLU A 1 78 ? -5.342  4.292   -9.089  1.00 17.61 ? 95  GLU A O   1 
ATOM   566 C  CB  . GLU A 1 78 ? -7.706  5.460   -9.312  1.00 21.61 ? 95  GLU A CB  1 
ATOM   567 C  CG  . GLU A 1 78 ? -9.059  5.539   -8.716  1.00 24.96 ? 95  GLU A CG  1 
ATOM   568 C  CD  . GLU A 1 78 ? -9.801  6.712   -9.262  1.00 27.63 ? 95  GLU A CD  1 
ATOM   569 O  OE1 . GLU A 1 78 ? -9.761  6.875   -10.502 1.00 29.80 ? 95  GLU A OE1 1 
ATOM   570 O  OE2 . GLU A 1 78 ? -10.415 7.472   -8.474  1.00 29.19 ? 95  GLU A OE2 1 
ATOM   571 N  N   . HIS A 1 79 ? -5.592  2.986   -10.897 1.00 18.89 ? 96  HIS A N   1 
ATOM   572 C  CA  . HIS A 1 79 ? -4.239  2.495   -10.876 1.00 19.11 ? 96  HIS A CA  1 
ATOM   573 C  C   . HIS A 1 79 ? -3.180  3.579   -10.948 1.00 18.50 ? 96  HIS A C   1 
ATOM   574 O  O   . HIS A 1 79 ? -2.151  3.477   -10.273 1.00 18.21 ? 96  HIS A O   1 
ATOM   575 C  CB  . HIS A 1 79 ? -4.089  1.492   -12.006 1.00 20.05 ? 96  HIS A CB  1 
ATOM   576 C  CG  . HIS A 1 79 ? -5.127  0.410   -11.967 1.00 21.84 ? 96  HIS A CG  1 
ATOM   577 N  ND1 . HIS A 1 79 ? -5.317  -0.484  -12.996 1.00 23.28 ? 96  HIS A ND1 1 
ATOM   578 C  CD2 . HIS A 1 79 ? -6.018  0.075   -11.001 1.00 22.58 ? 96  HIS A CD2 1 
ATOM   579 C  CE1 . HIS A 1 79 ? -6.286  -1.328  -12.665 1.00 23.61 ? 96  HIS A CE1 1 
ATOM   580 N  NE2 . HIS A 1 79 ? -6.725  -1.010  -11.464 1.00 23.48 ? 96  HIS A NE2 1 
ATOM   581 N  N   . ARG A 1 80 ? -3.427  4.616   -11.747 1.00 17.16 ? 97  ARG A N   1 
ATOM   582 C  CA  . ARG A 1 80 ? -2.453  5.686   -11.863 1.00 16.48 ? 97  ARG A CA  1 
ATOM   583 C  C   . ARG A 1 80 ? -2.256  6.421   -10.539 1.00 15.79 ? 97  ARG A C   1 
ATOM   584 O  O   . ARG A 1 80 ? -1.133  6.734   -10.161 1.00 14.41 ? 97  ARG A O   1 
ATOM   585 C  CB  . ARG A 1 80 ? -2.828  6.673   -12.978 1.00 16.89 ? 97  ARG A CB  1 
ATOM   586 C  CG  . ARG A 1 80 ? -2.539  6.132   -14.377 1.00 18.64 ? 97  ARG A CG  1 
ATOM   587 C  CD  . ARG A 1 80 ? -3.252  6.975   -15.446 1.00 20.51 ? 97  ARG A CD  1 
ATOM   588 N  NE  . ARG A 1 80 ? -4.664  7.033   -15.101 1.00 22.99 ? 97  ARG A NE  1 
ATOM   589 C  CZ  . ARG A 1 80 ? -5.648  7.377   -15.927 1.00 24.10 ? 97  ARG A CZ  1 
ATOM   590 N  NH1 . ARG A 1 80 ? -5.397  7.710   -17.192 1.00 25.23 ? 97  ARG A NH1 1 
ATOM   591 N  NH2 . ARG A 1 80 ? -6.903  7.380   -15.482 1.00 25.16 ? 97  ARG A NH2 1 
ATOM   592 N  N   . LYS A 1 81 ? -3.339  6.705   -9.836  1.00 15.61 ? 98  LYS A N   1 
ATOM   593 C  CA  . LYS A 1 81 ? -3.233  7.382   -8.551  1.00 16.44 ? 98  LYS A CA  1 
ATOM   594 C  C   . LYS A 1 81 ? -2.564  6.491   -7.502  1.00 15.25 ? 98  LYS A C   1 
ATOM   595 O  O   . LYS A 1 81 ? -1.772  6.959   -6.690  1.00 14.75 ? 98  LYS A O   1 
ATOM   596 C  CB  . LYS A 1 81 ? -4.616  7.793   -8.087  1.00 17.81 ? 98  LYS A CB  1 
ATOM   597 C  CG  . LYS A 1 81 ? -5.214  8.885   -8.951  1.00 21.33 ? 98  LYS A CG  1 
ATOM   598 C  CD  . LYS A 1 81 ? -6.700  8.975   -8.706  1.00 23.25 ? 98  LYS A CD  1 
ATOM   599 C  CE  . LYS A 1 81 ? -7.250  10.336  -9.090  1.00 25.02 ? 98  LYS A CE  1 
ATOM   600 N  NZ  . LYS A 1 81 ? -8.591  10.452  -8.421  1.00 27.01 ? 98  LYS A NZ  1 
ATOM   601 N  N   . ILE A 1 82 ? -2.870  5.201   -7.520  1.00 14.85 ? 99  ILE A N   1 
ATOM   602 C  CA  . ILE A 1 82 ? -2.258  4.302   -6.560  1.00 14.86 ? 99  ILE A CA  1 
ATOM   603 C  C   . ILE A 1 82 ? -0.754  4.227   -6.827  1.00 14.72 ? 99  ILE A C   1 
ATOM   604 O  O   . ILE A 1 82 ? 0.049   4.295   -5.894  1.00 14.99 ? 99  ILE A O   1 
ATOM   605 C  CB  . ILE A 1 82 ? -2.899  2.895   -6.634  1.00 15.11 ? 99  ILE A CB  1 
ATOM   606 C  CG1 . ILE A 1 82 ? -4.270  2.912   -5.939  1.00 14.93 ? 99  ILE A CG1 1 
ATOM   607 C  CG2 . ILE A 1 82 ? -1.995  1.877   -5.970  1.00 15.36 ? 99  ILE A CG2 1 
ATOM   608 C  CD1 . ILE A 1 82 ? -5.013  1.600   -5.991  1.00 15.78 ? 99  ILE A CD1 1 
ATOM   609 N  N   . TYR A 1 83 ? -0.377  4.101   -8.099  1.00 14.26 ? 100 TYR A N   1 
ATOM   610 C  CA  . TYR A 1 83 ? 1.036   4.037   -8.451  1.00 14.53 ? 100 TYR A CA  1 
ATOM   611 C  C   . TYR A 1 83 ? 1.738   5.302   -7.969  1.00 13.11 ? 100 TYR A C   1 
ATOM   612 O  O   . TYR A 1 83 ? 2.848   5.240   -7.429  1.00 12.14 ? 100 TYR A O   1 
ATOM   613 C  CB  . TYR A 1 83 ? 1.224   3.871   -9.969  1.00 16.08 ? 100 TYR A CB  1 
ATOM   614 C  CG  . TYR A 1 83 ? 1.556   2.461   -10.392 1.00 18.34 ? 100 TYR A CG  1 
ATOM   615 C  CD1 . TYR A 1 83 ? 0.634   1.435   -10.225 1.00 20.20 ? 100 TYR A CD1 1 
ATOM   616 C  CD2 . TYR A 1 83 ? 2.820   2.139   -10.899 1.00 19.79 ? 100 TYR A CD2 1 
ATOM   617 C  CE1 . TYR A 1 83 ? 0.954   0.110   -10.544 1.00 20.77 ? 100 TYR A CE1 1 
ATOM   618 C  CE2 . TYR A 1 83 ? 3.154   0.812   -11.219 1.00 21.25 ? 100 TYR A CE2 1 
ATOM   619 C  CZ  . TYR A 1 83 ? 2.205   -0.195  -11.034 1.00 21.46 ? 100 TYR A CZ  1 
ATOM   620 O  OH  . TYR A 1 83 ? 2.490   -1.520  -11.316 1.00 23.70 ? 100 TYR A OH  1 
ATOM   621 N  N   . THR A 1 84 ? 1.083   6.445   -8.149  1.00 12.13 ? 101 THR A N   1 
ATOM   622 C  CA  . THR A 1 84 ? 1.663   7.709   -7.733  1.00 11.77 ? 101 THR A CA  1 
ATOM   623 C  C   . THR A 1 84 ? 1.952   7.702   -6.235  1.00 11.67 ? 101 THR A C   1 
ATOM   624 O  O   . THR A 1 84 ? 3.084   7.923   -5.809  1.00 11.44 ? 101 THR A O   1 
ATOM   625 C  CB  . THR A 1 84 ? 0.733   8.894   -8.059  1.00 11.85 ? 101 THR A CB  1 
ATOM   626 O  OG1 . THR A 1 84 ? 0.459   8.914   -9.463  1.00 11.20 ? 101 THR A OG1 1 
ATOM   627 C  CG2 . THR A 1 84 ? 1.402   10.217  -7.676  1.00 11.47 ? 101 THR A CG2 1 
ATOM   628 N  N   . MET A 1 85 ? 0.924   7.401   -5.449  1.00 11.89 ? 102 MET A N   1 
ATOM   629 C  CA  . MET A 1 85 ? 1.035   7.366   -3.995  1.00 11.66 ? 102 MET A CA  1 
ATOM   630 C  C   . MET A 1 85 ? 2.099   6.397   -3.478  1.00 11.93 ? 102 MET A C   1 
ATOM   631 O  O   . MET A 1 85 ? 2.821   6.715   -2.538  1.00 11.68 ? 102 MET A O   1 
ATOM   632 C  CB  . MET A 1 85 ? -0.327  7.038   -3.386  1.00 12.03 ? 102 MET A CB  1 
ATOM   633 C  CG  . MET A 1 85 ? -1.398  8.078   -3.695  1.00 12.59 ? 102 MET A CG  1 
ATOM   634 S  SD  . MET A 1 85 ? -2.948  7.820   -2.793  1.00 14.54 ? 102 MET A SD  1 
ATOM   635 C  CE  . MET A 1 85 ? -3.572  6.320   -3.610  1.00 12.31 ? 102 MET A CE  1 
ATOM   636 N  N   . ILE A 1 86 ? 2.192   5.227   -4.099  1.00 11.58 ? 103 ILE A N   1 
ATOM   637 C  CA  . ILE A 1 86 ? 3.178   4.229   -3.722  1.00 11.04 ? 103 ILE A CA  1 
ATOM   638 C  C   . ILE A 1 86 ? 4.599   4.722   -4.016  1.00 11.07 ? 103 ILE A C   1 
ATOM   639 O  O   . ILE A 1 86 ? 5.491   4.620   -3.169  1.00 10.70 ? 103 ILE A O   1 
ATOM   640 C  CB  . ILE A 1 86 ? 2.928   2.921   -4.491  1.00 11.04 ? 103 ILE A CB  1 
ATOM   641 C  CG1 . ILE A 1 86 ? 1.654   2.253   -3.977  1.00 11.66 ? 103 ILE A CG1 1 
ATOM   642 C  CG2 . ILE A 1 86 ? 4.123   1.993   -4.361  1.00 10.87 ? 103 ILE A CG2 1 
ATOM   643 C  CD1 . ILE A 1 86 ? 1.260   1.039   -4.769  1.00 10.47 ? 103 ILE A CD1 1 
ATOM   644 N  N   . TYR A 1 87 ? 4.801   5.248   -5.220  1.00 10.64 ? 104 TYR A N   1 
ATOM   645 C  CA  . TYR A 1 87 ? 6.111   5.737   -5.621  1.00 10.90 ? 104 TYR A CA  1 
ATOM   646 C  C   . TYR A 1 87 ? 6.702   6.765   -4.671  1.00 11.20 ? 104 TYR A C   1 
ATOM   647 O  O   . TYR A 1 87 ? 7.917   6.825   -4.511  1.00 11.10 ? 104 TYR A O   1 
ATOM   648 C  CB  . TYR A 1 87 ? 6.071   6.293   -7.046  1.00 11.54 ? 104 TYR A CB  1 
ATOM   649 C  CG  . TYR A 1 87 ? 6.557   5.287   -8.057  1.00 11.19 ? 104 TYR A CG  1 
ATOM   650 C  CD1 . TYR A 1 87 ? 5.821   4.133   -8.324  1.00 10.84 ? 104 TYR A CD1 1 
ATOM   651 C  CD2 . TYR A 1 87 ? 7.797   5.439   -8.680  1.00 11.82 ? 104 TYR A CD2 1 
ATOM   652 C  CE1 . TYR A 1 87 ? 6.309   3.151   -9.169  1.00 12.29 ? 104 TYR A CE1 1 
ATOM   653 C  CE2 . TYR A 1 87 ? 8.300   4.453   -9.535  1.00 11.91 ? 104 TYR A CE2 1 
ATOM   654 C  CZ  . TYR A 1 87 ? 7.548   3.310   -9.768  1.00 11.98 ? 104 TYR A CZ  1 
ATOM   655 O  OH  . TYR A 1 87 ? 8.038   2.298   -10.563 1.00 13.71 ? 104 TYR A OH  1 
ATOM   656 N  N   . ARG A 1 88 ? 5.852   7.557   -4.028  1.00 11.32 ? 105 ARG A N   1 
ATOM   657 C  CA  . ARG A 1 88 ? 6.323   8.550   -3.075  1.00 11.40 ? 105 ARG A CA  1 
ATOM   658 C  C   . ARG A 1 88 ? 6.888   7.903   -1.829  1.00 11.51 ? 105 ARG A C   1 
ATOM   659 O  O   . ARG A 1 88 ? 7.545   8.572   -1.037  1.00 11.32 ? 105 ARG A O   1 
ATOM   660 C  CB  . ARG A 1 88 ? 5.189   9.460   -2.648  1.00 12.14 ? 105 ARG A CB  1 
ATOM   661 C  CG  . ARG A 1 88 ? 4.670   10.300  -3.760  1.00 13.53 ? 105 ARG A CG  1 
ATOM   662 C  CD  . ARG A 1 88 ? 3.403   10.997  -3.348  1.00 14.83 ? 105 ARG A CD  1 
ATOM   663 N  NE  . ARG A 1 88 ? 2.947   11.916  -4.375  1.00 16.90 ? 105 ARG A NE  1 
ATOM   664 C  CZ  . ARG A 1 88 ? 1.687   12.306  -4.496  1.00 17.92 ? 105 ARG A CZ  1 
ATOM   665 N  NH1 . ARG A 1 88 ? 0.777   11.843  -3.649  1.00 19.17 ? 105 ARG A NH1 1 
ATOM   666 N  NH2 . ARG A 1 88 ? 1.335   13.149  -5.461  1.00 18.77 ? 105 ARG A NH2 1 
ATOM   667 N  N   . ASN A 1 89 ? 6.613   6.614   -1.644  1.00 11.18 ? 106 ASN A N   1 
ATOM   668 C  CA  . ASN A 1 89 ? 7.097   5.897   -0.472  1.00 11.27 ? 106 ASN A CA  1 
ATOM   669 C  C   . ASN A 1 89 ? 8.158   4.844   -0.781  1.00 11.52 ? 106 ASN A C   1 
ATOM   670 O  O   . ASN A 1 89 ? 8.255   3.828   -0.093  1.00 11.58 ? 106 ASN A O   1 
ATOM   671 C  CB  . ASN A 1 89 ? 5.934   5.229   0.265   1.00 10.67 ? 106 ASN A CB  1 
ATOM   672 C  CG  . ASN A 1 89 ? 4.973   6.228   0.870   1.00 10.74 ? 106 ASN A CG  1 
ATOM   673 O  OD1 . ASN A 1 89 ? 4.025   6.676   0.218   1.00 10.39 ? 106 ASN A OD1 1 
ATOM   674 N  ND2 . ASN A 1 89 ? 5.216   6.590   2.122   1.00 10.53 ? 106 ASN A ND2 1 
ATOM   675 N  N   . LEU A 1 90 ? 8.953   5.079   -1.814  1.00 11.83 ? 107 LEU A N   1 
ATOM   676 C  CA  . LEU A 1 90 ? 10.008  4.136   -2.168  1.00 12.89 ? 107 LEU A CA  1 
ATOM   677 C  C   . LEU A 1 90 ? 11.008  4.749   -3.134  1.00 13.07 ? 107 LEU A C   1 
ATOM   678 O  O   . LEU A 1 90 ? 10.692  5.672   -3.869  1.00 12.40 ? 107 LEU A O   1 
ATOM   679 C  CB  . LEU A 1 90 ? 9.408   2.874   -2.795  1.00 13.49 ? 107 LEU A CB  1 
ATOM   680 C  CG  . LEU A 1 90 ? 8.674   3.026   -4.132  1.00 14.15 ? 107 LEU A CG  1 
ATOM   681 C  CD1 . LEU A 1 90 ? 9.664   3.307   -5.247  1.00 14.70 ? 107 LEU A CD1 1 
ATOM   682 C  CD2 . LEU A 1 90 ? 7.916   1.756   -4.442  1.00 14.68 ? 107 LEU A CD2 1 
ATOM   683 N  N   . VAL A 1 91 ? 12.224  4.239   -3.139  1.00 13.20 ? 108 VAL A N   1 
ATOM   684 C  CA  . VAL A 1 91 ? 13.185  4.767   -4.069  1.00 13.56 ? 108 VAL A CA  1 
ATOM   685 C  C   . VAL A 1 91 ? 13.457  3.645   -5.052  1.00 13.71 ? 108 VAL A C   1 
ATOM   686 O  O   . VAL A 1 91 ? 13.623  2.488   -4.647  1.00 13.37 ? 108 VAL A O   1 
ATOM   687 C  CB  . VAL A 1 91 ? 14.474  5.227   -3.349  1.00 14.37 ? 108 VAL A CB  1 
ATOM   688 C  CG1 . VAL A 1 91 ? 14.154  5.533   -1.900  1.00 14.89 ? 108 VAL A CG1 1 
ATOM   689 C  CG2 . VAL A 1 91 ? 15.565  4.172   -3.440  1.00 14.45 ? 108 VAL A CG2 1 
ATOM   690 N  N   . VAL A 1 92 ? 13.459  3.983   -6.341  1.00 13.88 ? 109 VAL A N   1 
ATOM   691 C  CA  . VAL A 1 92 ? 13.712  3.013   -7.404  1.00 14.35 ? 109 VAL A CA  1 
ATOM   692 C  C   . VAL A 1 92 ? 15.207  2.681   -7.496  1.00 15.93 ? 109 VAL A C   1 
ATOM   693 O  O   . VAL A 1 92 ? 16.060  3.567   -7.573  1.00 14.63 ? 109 VAL A O   1 
ATOM   694 C  CB  . VAL A 1 92 ? 13.195  3.538   -8.770  1.00 13.98 ? 109 VAL A CB  1 
ATOM   695 C  CG1 . VAL A 1 92 ? 13.666  2.629   -9.888  1.00 13.47 ? 109 VAL A CG1 1 
ATOM   696 C  CG2 . VAL A 1 92 ? 11.656  3.606   -8.766  1.00 12.63 ? 109 VAL A CG2 1 
ATOM   697 N  N   . VAL A 1 93 ? 15.510  1.389   -7.476  1.00 18.29 ? 110 VAL A N   1 
ATOM   698 C  CA  . VAL A 1 93 ? 16.896  0.933   -7.521  1.00 21.44 ? 110 VAL A CA  1 
ATOM   699 C  C   . VAL A 1 93 ? 17.532  1.037   -8.905  1.00 23.06 ? 110 VAL A C   1 
ATOM   700 O  O   . VAL A 1 93 ? 17.021  0.493   -9.884  1.00 23.13 ? 110 VAL A O   1 
ATOM   701 C  CB  . VAL A 1 93 ? 17.018  -0.527  -7.015  1.00 21.32 ? 110 VAL A CB  1 
ATOM   702 C  CG1 . VAL A 1 93 ? 18.433  -1.018  -7.185  1.00 22.37 ? 110 VAL A CG1 1 
ATOM   703 C  CG2 . VAL A 1 93 ? 16.615  -0.611  -5.548  1.00 20.96 ? 110 VAL A CG2 1 
HETATM 704 C  C3  . 1MN B 2 .  ? -5.066  -3.489  -5.327  1.00 18.75 ? 201 1MN A C3  1 
HETATM 705 C  C2  . 1MN B 2 .  ? -4.832  -2.203  -4.925  1.00 21.03 ? 201 1MN A C2  1 
HETATM 706 C  C1  . 1MN B 2 .  ? -3.738  -2.008  -4.098  1.00 21.67 ? 201 1MN A C1  1 
HETATM 707 BR BR1 . 1MN B 2 .  ? -3.432  -0.327  -3.329  1.00 29.24 ? 201 1MN A BR1 1 
HETATM 708 C  C4  . 1MN B 2 .  ? -2.899  -3.056  -3.714  1.00 20.88 ? 201 1MN A C4  1 
HETATM 709 C  C5  . 1MN B 2 .  ? -3.154  -4.377  -4.135  1.00 18.61 ? 201 1MN A C5  1 
HETATM 710 C  C6  . 1MN B 2 .  ? -4.275  -4.598  -4.957  1.00 17.75 ? 201 1MN A C6  1 
HETATM 711 C  C7  . 1MN B 2 .  ? -4.614  -6.030  -5.397  1.00 16.31 ? 201 1MN A C7  1 
HETATM 712 N  N1  . 1MN B 2 .  ? -3.458  -6.665  -5.883  1.00 14.85 ? 201 1MN A N1  1 
HETATM 713 C  C8  . 1MN B 2 .  ? -2.945  -6.252  -7.194  1.00 13.80 ? 201 1MN A C8  1 
HETATM 714 C  C9  . 1MN B 2 .  ? -2.854  -7.593  -5.105  1.00 13.47 ? 201 1MN A C9  1 
HETATM 715 O  O1  . 1MN B 2 .  ? -1.804  -8.108  -5.470  1.00 12.41 ? 201 1MN A O1  1 
HETATM 716 C  C10 . 1MN B 2 .  ? -3.460  -8.021  -3.689  1.00 13.40 ? 201 1MN A C10 1 
HETATM 717 C  C11 . 1MN B 2 .  ? -3.765  -9.554  -3.705  1.00 11.40 ? 201 1MN A C11 1 
HETATM 718 C  C12 . 1MN B 2 .  ? -4.040  -10.175 -2.344  1.00 10.44 ? 201 1MN A C12 1 
HETATM 719 C  C13 . 1MN B 2 .  ? -5.316  -10.250 -1.717  1.00 9.37  ? 201 1MN A C13 1 
HETATM 720 C  C14 . 1MN B 2 .  ? -5.443  -10.868 -0.449  1.00 8.39  ? 201 1MN A C14 1 
HETATM 721 C  C15 . 1MN B 2 .  ? -4.319  -11.405 0.192   1.00 7.75  ? 201 1MN A C15 1 
HETATM 722 C  C16 . 1MN B 2 .  ? -3.070  -11.329 -0.425  1.00 7.71  ? 201 1MN A C16 1 
HETATM 723 C  C17 . 1MN B 2 .  ? -2.932  -10.725 -1.669  1.00 9.07  ? 201 1MN A C17 1 
HETATM 724 O  O2  . 1MN B 2 .  ? -4.574  -7.201  -3.363  1.00 14.09 ? 201 1MN A O2  1 
HETATM 725 C  C18 . 1MN B 2 .  ? -5.429  -6.891  -4.452  1.00 16.21 ? 201 1MN A C18 1 
HETATM 726 C  C19 . 1MN B 2 .  ? -6.586  -6.132  -3.840  1.00 17.05 ? 201 1MN A C19 1 
HETATM 727 C  C20 . 1MN B 2 .  ? -7.765  -5.919  -4.577  1.00 18.15 ? 201 1MN A C20 1 
HETATM 728 C  C21 . 1MN B 2 .  ? -8.828  -5.204  -3.974  1.00 19.98 ? 201 1MN A C21 1 
HETATM 729 C  C22 . 1MN B 2 .  ? -8.675  -4.725  -2.680  1.00 21.52 ? 201 1MN A C22 1 
HETATM 730 BR BR2 . 1MN B 2 .  ? -10.016 -3.642  -2.020  1.00 29.65 ? 201 1MN A BR2 1 
HETATM 731 C  C23 . 1MN B 2 .  ? -7.525  -4.929  -1.917  1.00 21.01 ? 201 1MN A C23 1 
HETATM 732 C  C24 . 1MN B 2 .  ? -6.488  -5.634  -2.517  1.00 18.30 ? 201 1MN A C24 1 
HETATM 733 S  S   . SO4 C 3 .  ? -6.645  4.595   -14.186 1.00 40.49 ? 202 SO4 A S   1 
HETATM 734 O  O1  . SO4 C 3 .  ? -6.179  4.419   -15.581 1.00 40.28 ? 202 SO4 A O1  1 
HETATM 735 O  O2  . SO4 C 3 .  ? -6.936  3.247   -13.724 1.00 40.15 ? 202 SO4 A O2  1 
HETATM 736 O  O3  . SO4 C 3 .  ? -5.672  5.422   -13.438 1.00 39.38 ? 202 SO4 A O3  1 
HETATM 737 O  O4  . SO4 C 3 .  ? -7.906  5.322   -14.207 1.00 39.84 ? 202 SO4 A O4  1 
HETATM 738 O  O   . HOH D 4 .  ? -17.220 -2.397  5.489   0.50 5.59  ? 301 HOH A O   1 
HETATM 739 O  O   . HOH D 4 .  ? -6.036  7.155   -11.671 1.00 15.51 ? 302 HOH A O   1 
HETATM 740 O  O   . HOH D 4 .  ? 7.192   5.230   3.251   1.00 9.59  ? 303 HOH A O   1 
HETATM 741 O  O   . HOH D 4 .  ? 9.126   7.470   5.616   1.00 13.49 ? 304 HOH A O   1 
HETATM 742 O  O   . HOH D 4 .  ? -8.974  -10.478 8.346   1.00 8.88  ? 305 HOH A O   1 
HETATM 743 O  O   . HOH D 4 .  ? -11.857 -3.301  9.458   1.00 11.03 ? 306 HOH A O   1 
HETATM 744 O  O   . HOH D 4 .  ? 0.704   -8.013  -6.936  1.00 8.34  ? 307 HOH A O   1 
HETATM 745 O  O   . HOH D 4 .  ? -8.984  7.025   -6.014  1.00 24.67 ? 308 HOH A O   1 
HETATM 746 O  O   . HOH D 4 .  ? 6.105   -3.949  10.675  1.00 17.08 ? 309 HOH A O   1 
HETATM 747 O  O   . HOH D 4 .  ? -2.590  1.763   11.803  1.00 11.41 ? 310 HOH A O   1 
HETATM 748 O  O   . HOH D 4 .  ? -12.419 -5.800  -1.934  1.00 12.69 ? 311 HOH A O   1 
HETATM 749 O  O   . HOH D 4 .  ? -8.503  3.339   8.952   1.00 7.02  ? 312 HOH A O   1 
HETATM 750 O  O   . HOH D 4 .  ? -14.223 -2.714  8.300   1.00 8.76  ? 313 HOH A O   1 
HETATM 751 O  O   . HOH D 4 .  ? -20.632 2.089   1.050   1.00 13.73 ? 314 HOH A O   1 
HETATM 752 O  O   . HOH D 4 .  ? -15.048 -3.980  5.718   1.00 11.51 ? 315 HOH A O   1 
HETATM 753 O  O   . HOH D 4 .  ? 13.912  -1.101  1.981   1.00 25.86 ? 316 HOH A O   1 
HETATM 754 O  O   . HOH D 4 .  ? 10.485  0.542   8.520   1.00 22.39 ? 317 HOH A O   1 
HETATM 755 O  O   . HOH D 4 .  ? 6.785   -5.981  -10.972 1.00 17.30 ? 318 HOH A O   1 
HETATM 756 O  O   . HOH D 4 .  ? -9.840  -7.743  10.494  1.00 20.94 ? 319 HOH A O   1 
HETATM 757 O  O   . HOH D 4 .  ? 10.763  7.376   -6.160  1.00 19.09 ? 320 HOH A O   1 
HETATM 758 O  O   . HOH D 4 .  ? -1.236  -0.965  10.890  1.00 21.08 ? 321 HOH A O   1 
HETATM 759 O  O   . HOH D 4 .  ? -19.082 -3.997  -4.445  1.00 22.12 ? 322 HOH A O   1 
HETATM 760 O  O   . HOH D 4 .  ? 13.034  1.993   4.622   1.00 28.22 ? 323 HOH A O   1 
HETATM 761 O  O   . HOH D 4 .  ? -15.722 -9.221  2.583   1.00 19.53 ? 324 HOH A O   1 
HETATM 762 O  O   . HOH D 4 .  ? 17.081  -7.558  0.010   1.00 24.10 ? 325 HOH A O   1 
HETATM 763 O  O   . HOH D 4 .  ? -4.065  8.784   8.778   1.00 12.42 ? 326 HOH A O   1 
HETATM 764 O  O   . HOH D 4 .  ? 2.419   10.771  0.307   1.00 30.88 ? 327 HOH A O   1 
HETATM 765 O  O   . HOH D 4 .  ? 9.129   -4.331  -11.071 1.00 34.39 ? 328 HOH A O   1 
HETATM 766 O  O   . HOH D 4 .  ? -2.499  10.392  -11.366 1.00 17.44 ? 329 HOH A O   1 
HETATM 767 O  O   . HOH D 4 .  ? 0.596   15.752  -7.051  1.00 14.41 ? 330 HOH A O   1 
HETATM 768 O  O   . HOH D 4 .  ? -2.654  -11.685 6.456   1.00 15.14 ? 331 HOH A O   1 
HETATM 769 O  O   . HOH D 4 .  ? -17.681 -10.413 0.203   1.00 32.14 ? 332 HOH A O   1 
HETATM 770 O  O   . HOH D 4 .  ? 5.071   9.233   3.466   1.00 23.70 ? 333 HOH A O   1 
HETATM 771 O  O   . HOH D 4 .  ? -7.937  10.194  11.310  1.00 26.18 ? 334 HOH A O   1 
HETATM 772 O  O   . HOH D 4 .  ? -12.421 6.789   -2.444  1.00 23.54 ? 335 HOH A O   1 
HETATM 773 O  O   . HOH D 4 .  ? 3.961   -11.007 -5.454  1.00 21.28 ? 336 HOH A O   1 
HETATM 774 O  O   . HOH D 4 .  ? 13.752  -5.577  -12.238 1.00 44.83 ? 337 HOH A O   1 
HETATM 775 O  O   . HOH D 4 .  ? -0.291  16.239  -4.460  1.00 26.35 ? 338 HOH A O   1 
HETATM 776 O  O   . HOH D 4 .  ? -1.005  15.235  -8.541  1.00 25.81 ? 339 HOH A O   1 
HETATM 777 O  O   . HOH D 4 .  ? -9.088  -3.364  -11.815 1.00 43.75 ? 340 HOH A O   1 
HETATM 778 O  O   . HOH D 4 .  ? 0.631   -13.948 -7.787  1.00 47.97 ? 341 HOH A O   1 
HETATM 779 O  O   . HOH D 4 .  ? 16.056  1.715   -12.446 1.00 41.02 ? 342 HOH A O   1 
HETATM 780 O  O   . HOH D 4 .  ? -15.945 -7.278  -5.473  1.00 29.90 ? 343 HOH A O   1 
HETATM 781 O  O   . HOH D 4 .  ? 2.254   6.391   10.851  1.00 34.53 ? 344 HOH A O   1 
HETATM 782 O  O   . HOH D 4 .  ? 6.731   4.434   12.900  1.00 31.10 ? 345 HOH A O   1 
HETATM 783 O  O   . HOH D 4 .  ? 15.842  -0.236  3.202   1.00 33.14 ? 346 HOH A O   1 
HETATM 784 O  O   . HOH D 4 .  ? 3.147   4.677   12.136  1.00 32.32 ? 347 HOH A O   1 
HETATM 785 O  O   . HOH D 4 .  ? -5.210  10.559  -12.899 1.00 53.14 ? 348 HOH A O   1 
HETATM 786 O  O   . HOH D 4 .  ? 14.053  3.322   0.488   1.00 30.19 ? 349 HOH A O   1 
HETATM 787 O  O   . HOH D 4 .  ? -0.883  -9.931  9.370   1.00 25.68 ? 350 HOH A O   1 
HETATM 788 O  O   . HOH D 4 .  ? 15.579  -6.193  -16.614 1.00 54.83 ? 351 HOH A O   1 
HETATM 789 O  O   . HOH D 4 .  ? -21.506 6.507   -1.920  1.00 45.41 ? 352 HOH A O   1 
HETATM 790 O  O   . HOH D 4 .  ? -5.854  11.835  4.765   1.00 38.85 ? 353 HOH A O   1 
HETATM 791 O  O   . HOH D 4 .  ? 14.251  -8.840  -15.262 1.00 50.37 ? 354 HOH A O   1 
HETATM 792 O  O   . HOH D 4 .  ? -1.592  12.932  -1.251  1.00 41.36 ? 355 HOH A O   1 
HETATM 793 O  O   . HOH D 4 .  ? 12.975  -3.256  9.080   1.00 34.96 ? 356 HOH A O   1 
# 
